data_9BG1
#
_entry.id   9BG1
#
_cell.length_a   47.996
_cell.length_b   104.704
_cell.length_c   66.256
_cell.angle_alpha   90.000
_cell.angle_beta   90.860
_cell.angle_gamma   90.000
#
_symmetry.space_group_name_H-M   'P 1 21 1'
#
loop_
_entity.id
_entity.type
_entity.pdbx_description
1 polymer 'GTPase KRas'
2 polymer 'Peptidyl-prolyl cis-trans isomerase A'
3 non-polymer 'PHOSPHOAMINOPHOSPHONIC ACID-GUANYLATE ESTER'
4 non-polymer 'MAGNESIUM ION'
5 non-polymer '(2R)-N-[(1P,7S,9S,13R,20M)-21-ethyl-20-{2-[(1S)-1-methoxyethyl]pyridin-3-yl}-17,17-dimethyl-8,14-dioxo-15-oxa-4-thia-9,21,27,28-tetraazapentacyclo[17.5.2.1~2,5~.1~9,13~.0~22,26~]octacosa-1(24),2,5(28),19,22,25-hexaen-7-yl]-3-methyl-2-(N-methylacetamido)butanamide (non-preferred name)'
6 water water
#
loop_
_entity_poly.entity_id
_entity_poly.type
_entity_poly.pdbx_seq_one_letter_code
_entity_poly.pdbx_strand_id
1 'polypeptide(L)'
;SMTEYKLVVVGAVGVGKSALTIQLIQNHFVDEYDPTIEDSYRKQVVIDGETCLLDILDTAGQEEYSAMRDQYMRTGEGFL
CVFAINNTKSFEDIHHYREQIKRVKDSEDVPMVLVGNKCDLPSRTVDTKQAQDLARSYGIPFIETSAKTRQGVDDAFYTL
VREIRKHKEK
;
A,B
2 'polypeptide(L)'
;SMVNPTVFFDIAVDGEPLGRVSFELFADKVPKTAENFRALSTGEKGFGYKGSCFHRIIPGFMCQGGDFTRHNGTGGKSIY
GEKFEDENFILKHTGPGILSMANAGPNTNGSQFFICTAKTEWLDGKHVVFGKVKEGMNIVEAMERFGSRNGKTSKKITIA
DCGQLE
;
D,C
#
# COMPACT_ATOMS: atom_id res chain seq x y z
N SER A 1 10.29 -11.34 21.60
CA SER A 1 10.26 -11.42 20.15
C SER A 1 8.82 -11.46 19.62
N MET A 2 8.72 -11.37 18.29
CA MET A 2 7.48 -11.25 17.56
C MET A 2 7.15 -12.58 16.90
N THR A 3 5.89 -12.73 16.48
CA THR A 3 5.46 -13.78 15.56
C THR A 3 4.58 -13.16 14.50
N GLU A 4 4.71 -13.65 13.27
CA GLU A 4 3.98 -13.12 12.14
C GLU A 4 2.99 -14.17 11.64
N TYR A 5 1.80 -13.70 11.20
CA TYR A 5 0.67 -14.55 10.79
C TYR A 5 0.13 -14.07 9.45
N LYS A 6 -0.06 -14.98 8.52
CA LYS A 6 -0.56 -14.66 7.17
C LYS A 6 -2.05 -14.99 7.16
N LEU A 7 -2.88 -13.97 7.31
CA LEU A 7 -4.34 -14.10 7.31
C LEU A 7 -4.93 -13.78 5.95
N VAL A 8 -5.93 -14.54 5.52
CA VAL A 8 -6.58 -14.29 4.23
C VAL A 8 -8.09 -14.15 4.47
N VAL A 9 -8.68 -13.08 3.96
CA VAL A 9 -10.09 -12.77 4.20
C VAL A 9 -10.87 -13.10 2.92
N VAL A 10 -11.79 -14.09 3.01
CA VAL A 10 -12.57 -14.56 1.87
C VAL A 10 -14.05 -14.49 2.16
N GLY A 11 -14.84 -14.60 1.09
CA GLY A 11 -16.28 -14.58 1.23
C GLY A 11 -16.92 -13.88 0.06
N ALA A 12 -18.27 -13.95 0.01
CA ALA A 12 -19.00 -13.52 -1.16
C ALA A 12 -18.97 -12.00 -1.33
N VAL A 13 -19.28 -11.56 -2.56
N VAL A 13 -19.29 -11.55 -2.54
CA VAL A 13 -19.21 -10.12 -2.84
CA VAL A 13 -19.25 -10.12 -2.84
C VAL A 13 -20.13 -9.36 -1.90
C VAL A 13 -20.14 -9.35 -1.88
N GLY A 14 -19.58 -8.28 -1.30
CA GLY A 14 -20.33 -7.37 -0.44
C GLY A 14 -20.62 -7.80 0.98
N VAL A 15 -20.07 -8.92 1.45
CA VAL A 15 -20.38 -9.40 2.79
C VAL A 15 -19.69 -8.55 3.85
N GLY A 16 -18.67 -7.76 3.47
CA GLY A 16 -17.95 -6.92 4.40
C GLY A 16 -16.52 -7.32 4.71
N LYS A 17 -15.86 -8.04 3.82
CA LYS A 17 -14.45 -8.41 3.98
C LYS A 17 -13.57 -7.18 4.21
N SER A 18 -13.75 -6.17 3.37
CA SER A 18 -12.90 -4.99 3.42
C SER A 18 -13.26 -4.12 4.61
N ALA A 19 -14.56 -3.96 4.88
CA ALA A 19 -14.99 -3.17 6.04
C ALA A 19 -14.43 -3.75 7.33
N LEU A 20 -14.47 -5.06 7.47
CA LEU A 20 -13.83 -5.70 8.61
C LEU A 20 -12.35 -5.39 8.67
N THR A 21 -11.64 -5.56 7.54
CA THR A 21 -10.20 -5.33 7.52
C THR A 21 -9.88 -3.87 7.85
N ILE A 22 -10.65 -2.93 7.30
CA ILE A 22 -10.37 -1.51 7.51
C ILE A 22 -10.65 -1.11 8.95
N GLN A 23 -11.68 -1.70 9.56
CA GLN A 23 -11.87 -1.44 10.99
C GLN A 23 -10.69 -1.96 11.79
N LEU A 24 -10.20 -3.17 11.48
CA LEU A 24 -9.02 -3.68 12.18
C LEU A 24 -7.81 -2.77 11.96
N ILE A 25 -7.54 -2.41 10.69
CA ILE A 25 -6.32 -1.71 10.34
C ILE A 25 -6.39 -0.22 10.70
N GLN A 26 -7.52 0.42 10.37
CA GLN A 26 -7.62 1.88 10.43
C GLN A 26 -8.61 2.40 11.48
N ASN A 27 -9.38 1.53 12.13
CA ASN A 27 -10.30 1.92 13.21
C ASN A 27 -11.42 2.87 12.76
N HIS A 28 -11.96 2.64 11.56
CA HIS A 28 -13.14 3.38 11.18
C HIS A 28 -13.96 2.56 10.19
N PHE A 29 -15.15 3.08 9.92
CA PHE A 29 -16.12 2.48 9.02
C PHE A 29 -16.82 3.59 8.24
N VAL A 30 -17.07 3.35 6.96
CA VAL A 30 -17.89 4.23 6.12
C VAL A 30 -18.86 3.35 5.35
N ASP A 31 -20.06 3.89 5.09
CA ASP A 31 -21.08 3.16 4.34
C ASP A 31 -20.72 2.99 2.86
N GLU A 32 -19.82 3.82 2.32
CA GLU A 32 -19.48 3.75 0.92
C GLU A 32 -18.82 2.42 0.59
N TYR A 33 -19.21 1.84 -0.53
CA TYR A 33 -18.65 0.58 -1.00
C TYR A 33 -17.49 0.88 -1.93
N ASP A 34 -16.33 0.34 -1.59
CA ASP A 34 -15.16 0.39 -2.47
C ASP A 34 -14.82 -1.04 -2.93
N PRO A 35 -15.27 -1.46 -4.11
CA PRO A 35 -15.08 -2.87 -4.51
C PRO A 35 -13.60 -3.23 -4.61
N THR A 36 -13.29 -4.41 -4.12
CA THR A 36 -11.91 -4.88 -4.03
C THR A 36 -11.47 -5.57 -5.31
N ILE A 37 -10.23 -5.32 -5.72
CA ILE A 37 -9.48 -6.18 -6.63
C ILE A 37 -8.54 -7.04 -5.79
N GLU A 38 -7.66 -6.39 -5.06
CA GLU A 38 -6.80 -7.04 -4.06
C GLU A 38 -6.12 -6.00 -3.18
N ASP A 39 -6.08 -6.22 -1.86
CA ASP A 39 -5.36 -5.31 -0.98
C ASP A 39 -4.67 -6.09 0.12
N SER A 40 -3.56 -5.56 0.60
CA SER A 40 -2.76 -6.21 1.62
C SER A 40 -2.40 -5.18 2.68
N TYR A 41 -2.30 -5.64 3.93
CA TYR A 41 -2.06 -4.75 5.05
C TYR A 41 -1.18 -5.46 6.06
N ARG A 42 -0.50 -4.67 6.90
CA ARG A 42 0.29 -5.17 8.02
C ARG A 42 -0.04 -4.39 9.27
N LYS A 43 -0.17 -5.09 10.40
CA LYS A 43 -0.45 -4.45 11.68
C LYS A 43 0.18 -5.24 12.82
N GLN A 44 0.80 -4.53 13.74
CA GLN A 44 1.37 -5.13 14.94
C GLN A 44 0.38 -4.99 16.10
N VAL A 45 0.03 -6.12 16.73
CA VAL A 45 -0.90 -6.16 17.85
C VAL A 45 -0.34 -7.06 18.92
N VAL A 46 -0.91 -6.98 20.12
CA VAL A 46 -0.63 -7.92 21.20
C VAL A 46 -1.83 -8.84 21.31
N ILE A 47 -1.58 -10.15 21.22
CA ILE A 47 -2.59 -11.18 21.42
C ILE A 47 -2.08 -12.15 22.47
N ASP A 48 -2.86 -12.37 23.52
CA ASP A 48 -2.47 -13.29 24.60
C ASP A 48 -1.11 -12.93 25.18
N GLY A 49 -0.83 -11.63 25.29
CA GLY A 49 0.43 -11.18 25.86
C GLY A 49 1.64 -11.31 24.96
N GLU A 50 1.47 -11.77 23.73
CA GLU A 50 2.56 -12.00 22.80
C GLU A 50 2.44 -11.00 21.67
N THR A 51 3.55 -10.45 21.20
CA THR A 51 3.46 -9.47 20.12
C THR A 51 3.35 -10.19 18.77
N CYS A 52 2.40 -9.74 17.92
CA CYS A 52 2.03 -10.43 16.68
C CYS A 52 2.00 -9.42 15.55
N LEU A 53 2.63 -9.78 14.46
CA LEU A 53 2.59 -9.01 13.22
C LEU A 53 1.58 -9.71 12.32
N LEU A 54 0.45 -9.07 12.05
CA LEU A 54 -0.59 -9.62 11.19
C LEU A 54 -0.44 -9.13 9.77
N ASP A 55 -0.31 -10.05 8.82
CA ASP A 55 -0.37 -9.77 7.40
C ASP A 55 -1.76 -10.15 6.95
N ILE A 56 -2.49 -9.19 6.39
CA ILE A 56 -3.86 -9.43 6.00
C ILE A 56 -3.95 -9.27 4.49
N LEU A 57 -4.37 -10.32 3.83
CA LEU A 57 -4.70 -10.29 2.40
C LEU A 57 -6.22 -10.17 2.29
N ASP A 58 -6.69 -9.02 1.81
CA ASP A 58 -8.12 -8.77 1.58
C ASP A 58 -8.43 -9.11 0.12
N THR A 59 -9.08 -10.27 -0.13
CA THR A 59 -9.39 -10.71 -1.48
C THR A 59 -10.75 -10.21 -1.92
N ALA A 60 -10.95 -10.26 -3.23
CA ALA A 60 -12.24 -9.91 -3.81
C ALA A 60 -13.19 -11.09 -3.66
N GLY A 61 -14.50 -10.80 -3.62
CA GLY A 61 -15.44 -11.95 -3.63
C GLY A 61 -15.58 -12.66 -4.97
N GLN A 62 -15.28 -11.97 -6.07
CA GLN A 62 -15.14 -12.58 -7.41
C GLN A 62 -14.41 -13.93 -7.33
N GLU A 63 -14.95 -14.95 -8.00
CA GLU A 63 -14.36 -16.27 -7.83
C GLU A 63 -13.77 -16.86 -9.11
N GLU A 64 -13.60 -16.07 -10.18
CA GLU A 64 -13.32 -16.64 -11.49
C GLU A 64 -11.84 -16.67 -11.86
N TYR A 65 -10.95 -16.54 -10.89
CA TYR A 65 -9.52 -16.45 -11.15
C TYR A 65 -8.83 -17.52 -10.32
N SER A 66 -9.07 -18.77 -10.72
CA SER A 66 -8.69 -19.90 -9.87
C SER A 66 -7.19 -19.96 -9.67
N ALA A 67 -6.40 -19.66 -10.70
CA ALA A 67 -4.96 -19.74 -10.54
C ALA A 67 -4.48 -18.80 -9.44
N MET A 68 -4.97 -17.57 -9.45
CA MET A 68 -4.53 -16.64 -8.39
C MET A 68 -5.13 -17.03 -7.03
N ARG A 69 -6.40 -17.37 -7.01
CA ARG A 69 -7.03 -17.72 -5.74
C ARG A 69 -6.39 -18.97 -5.12
N ASP A 70 -5.97 -19.94 -5.94
CA ASP A 70 -5.25 -21.09 -5.39
C ASP A 70 -3.96 -20.66 -4.70
N GLN A 71 -3.22 -19.71 -5.29
CA GLN A 71 -1.99 -19.29 -4.64
C GLN A 71 -2.27 -18.52 -3.35
N TYR A 72 -3.36 -17.73 -3.32
CA TYR A 72 -3.75 -17.11 -2.04
C TYR A 72 -3.87 -18.18 -0.97
N MET A 73 -4.47 -19.31 -1.34
CA MET A 73 -4.73 -20.32 -0.33
C MET A 73 -3.48 -21.12 0.00
N ARG A 74 -2.62 -21.36 -0.98
CA ARG A 74 -1.34 -22.01 -0.66
C ARG A 74 -0.53 -21.18 0.33
N THR A 75 -0.43 -19.86 0.08
CA THR A 75 0.40 -19.00 0.91
C THR A 75 -0.25 -18.72 2.27
N GLY A 76 -1.58 -18.58 2.30
CA GLY A 76 -2.20 -18.13 3.52
C GLY A 76 -2.12 -19.19 4.60
N GLU A 77 -1.97 -18.71 5.84
CA GLU A 77 -1.93 -19.66 6.98
C GLU A 77 -3.29 -19.84 7.66
N GLY A 78 -4.12 -18.83 7.65
CA GLY A 78 -5.44 -18.90 8.26
C GLY A 78 -6.42 -18.12 7.41
N PHE A 79 -7.67 -18.54 7.47
CA PHE A 79 -8.71 -17.99 6.60
C PHE A 79 -9.91 -17.50 7.40
N LEU A 80 -10.22 -16.23 7.24
CA LEU A 80 -11.43 -15.64 7.79
C LEU A 80 -12.51 -15.83 6.72
N CYS A 81 -13.49 -16.74 6.96
CA CYS A 81 -14.55 -17.02 5.97
C CYS A 81 -15.79 -16.23 6.34
N VAL A 82 -16.06 -15.17 5.61
CA VAL A 82 -17.06 -14.19 6.02
C VAL A 82 -18.34 -14.44 5.21
N PHE A 83 -19.49 -14.43 5.91
CA PHE A 83 -20.79 -14.24 5.23
C PHE A 83 -21.49 -13.07 5.90
N ALA A 84 -22.61 -12.64 5.31
CA ALA A 84 -23.42 -11.59 5.92
C ALA A 84 -24.73 -12.17 6.46
N ILE A 85 -25.12 -11.73 7.67
CA ILE A 85 -26.24 -12.40 8.33
C ILE A 85 -27.57 -12.08 7.68
N ASN A 86 -27.61 -11.13 6.75
CA ASN A 86 -28.80 -10.79 5.96
C ASN A 86 -28.64 -11.17 4.49
N ASN A 87 -27.76 -12.12 4.20
CA ASN A 87 -27.54 -12.63 2.84
C ASN A 87 -27.44 -14.15 2.90
N THR A 88 -28.56 -14.83 2.68
CA THR A 88 -28.57 -16.27 2.84
C THR A 88 -27.66 -16.96 1.83
N LYS A 89 -27.66 -16.46 0.58
CA LYS A 89 -26.76 -17.01 -0.43
C LYS A 89 -25.30 -16.98 0.03
N SER A 90 -24.87 -15.86 0.64
CA SER A 90 -23.49 -15.78 1.10
C SER A 90 -23.19 -16.84 2.17
N PHE A 91 -24.19 -17.17 3.00
CA PHE A 91 -24.02 -18.29 3.95
C PHE A 91 -23.97 -19.62 3.21
N GLU A 92 -24.81 -19.82 2.19
CA GLU A 92 -24.73 -21.06 1.41
C GLU A 92 -23.40 -21.18 0.68
N ASP A 93 -22.75 -20.07 0.36
CA ASP A 93 -21.45 -20.12 -0.31
C ASP A 93 -20.33 -20.64 0.59
N ILE A 94 -20.52 -20.66 1.91
CA ILE A 94 -19.39 -20.86 2.80
C ILE A 94 -18.74 -22.20 2.57
N HIS A 95 -19.54 -23.25 2.37
CA HIS A 95 -18.92 -24.57 2.27
C HIS A 95 -18.01 -24.67 1.05
N HIS A 96 -18.30 -23.91 -0.02
CA HIS A 96 -17.40 -23.87 -1.18
C HIS A 96 -16.02 -23.39 -0.77
N TYR A 97 -15.95 -22.34 0.06
CA TYR A 97 -14.66 -21.85 0.52
C TYR A 97 -13.90 -22.90 1.32
N ARG A 98 -14.56 -23.50 2.31
CA ARG A 98 -13.89 -24.55 3.08
C ARG A 98 -13.44 -25.69 2.18
N GLU A 99 -14.27 -26.06 1.19
CA GLU A 99 -13.87 -27.16 0.32
C GLU A 99 -12.65 -26.78 -0.50
N GLN A 100 -12.63 -25.57 -1.06
CA GLN A 100 -11.52 -25.11 -1.86
C GLN A 100 -10.24 -24.98 -1.03
N ILE A 101 -10.35 -24.55 0.23
CA ILE A 101 -9.16 -24.38 1.06
C ILE A 101 -8.58 -25.71 1.43
N LYS A 102 -9.43 -26.65 1.83
CA LYS A 102 -8.98 -28.01 2.12
C LYS A 102 -8.34 -28.65 0.91
N ARG A 103 -8.92 -28.42 -0.27
CA ARG A 103 -8.40 -29.00 -1.52
C ARG A 103 -7.02 -28.45 -1.84
N VAL A 104 -6.89 -27.13 -1.84
CA VAL A 104 -5.64 -26.49 -2.27
C VAL A 104 -4.53 -26.81 -1.28
N LYS A 105 -4.85 -26.80 0.01
CA LYS A 105 -3.87 -27.07 1.06
C LYS A 105 -3.77 -28.55 1.42
N ASP A 106 -4.58 -29.41 0.78
CA ASP A 106 -4.54 -30.87 0.98
C ASP A 106 -4.62 -31.26 2.44
N SER A 107 -5.67 -30.76 3.13
CA SER A 107 -5.81 -31.03 4.55
C SER A 107 -7.25 -30.75 5.00
N GLU A 108 -7.73 -31.59 5.91
CA GLU A 108 -9.03 -31.33 6.52
C GLU A 108 -8.92 -30.47 7.78
N ASP A 109 -7.72 -30.11 8.20
CA ASP A 109 -7.53 -29.25 9.38
C ASP A 109 -6.75 -27.99 8.99
N VAL A 110 -7.45 -26.99 8.45
CA VAL A 110 -6.79 -25.73 8.10
C VAL A 110 -7.28 -24.67 9.06
N PRO A 111 -6.44 -23.74 9.53
CA PRO A 111 -6.93 -22.74 10.48
C PRO A 111 -7.95 -21.83 9.80
N MET A 112 -9.14 -21.76 10.38
CA MET A 112 -10.29 -21.13 9.75
C MET A 112 -11.21 -20.62 10.86
N VAL A 113 -11.80 -19.43 10.66
CA VAL A 113 -12.87 -18.92 11.53
C VAL A 113 -14.04 -18.54 10.65
N LEU A 114 -15.26 -18.92 11.06
CA LEU A 114 -16.49 -18.51 10.36
C LEU A 114 -16.99 -17.20 10.94
N VAL A 115 -17.27 -16.21 10.08
CA VAL A 115 -17.60 -14.87 10.55
C VAL A 115 -18.94 -14.52 9.94
N GLY A 116 -19.91 -14.20 10.79
CA GLY A 116 -21.22 -13.73 10.38
C GLY A 116 -21.30 -12.23 10.62
N ASN A 117 -21.17 -11.46 9.55
CA ASN A 117 -21.00 -10.00 9.62
C ASN A 117 -22.34 -9.27 9.38
N LYS A 118 -22.32 -7.95 9.64
CA LYS A 118 -23.47 -7.04 9.55
C LYS A 118 -24.51 -7.34 10.62
N CYS A 119 -24.06 -7.79 11.79
CA CYS A 119 -25.02 -8.15 12.83
CA CYS A 119 -25.01 -8.15 12.85
C CYS A 119 -25.72 -6.95 13.43
N ASP A 120 -25.33 -5.73 13.03
CA ASP A 120 -26.03 -4.56 13.46
C ASP A 120 -27.34 -4.40 12.72
N LEU A 121 -27.46 -4.99 11.54
CA LEU A 121 -28.61 -4.68 10.69
C LEU A 121 -29.90 -5.38 11.16
N PRO A 122 -31.06 -4.80 10.87
CA PRO A 122 -32.33 -5.38 11.31
C PRO A 122 -32.94 -6.38 10.32
N SER A 123 -32.17 -6.85 9.35
CA SER A 123 -32.72 -7.62 8.23
C SER A 123 -32.23 -9.07 8.20
N ARG A 124 -31.87 -9.62 9.36
CA ARG A 124 -31.32 -10.97 9.44
C ARG A 124 -32.14 -12.00 8.69
N THR A 125 -31.46 -12.83 7.90
CA THR A 125 -32.05 -14.01 7.29
C THR A 125 -31.39 -15.32 7.71
N VAL A 126 -30.21 -15.26 8.35
CA VAL A 126 -29.43 -16.43 8.76
C VAL A 126 -29.42 -16.44 10.29
N ASP A 127 -30.05 -17.45 10.91
CA ASP A 127 -30.05 -17.59 12.37
C ASP A 127 -28.64 -17.82 12.90
N THR A 128 -28.32 -17.21 14.04
CA THR A 128 -27.07 -17.55 14.74
C THR A 128 -26.92 -19.06 14.92
N LYS A 129 -28.00 -19.73 15.31
CA LYS A 129 -27.89 -21.17 15.57
C LYS A 129 -27.47 -21.93 14.31
N GLN A 130 -28.01 -21.55 13.14
CA GLN A 130 -27.61 -22.21 11.90
C GLN A 130 -26.12 -22.11 11.67
N ALA A 131 -25.57 -20.91 11.87
CA ALA A 131 -24.14 -20.71 11.66
C ALA A 131 -23.31 -21.41 12.73
N GLN A 132 -23.75 -21.31 14.00
CA GLN A 132 -23.10 -22.09 15.07
C GLN A 132 -23.06 -23.58 14.73
N ASP A 133 -24.18 -24.15 14.27
CA ASP A 133 -24.18 -25.56 13.90
C ASP A 133 -23.23 -25.85 12.74
N LEU A 134 -23.16 -24.96 11.76
CA LEU A 134 -22.24 -25.24 10.67
C LEU A 134 -20.78 -25.19 11.12
N ALA A 135 -20.43 -24.22 11.95
CA ALA A 135 -19.06 -24.15 12.46
C ALA A 135 -18.73 -25.37 13.30
N ARG A 136 -19.68 -25.87 14.07
CA ARG A 136 -19.45 -27.09 14.86
C ARG A 136 -19.12 -28.27 13.96
N SER A 137 -19.84 -28.40 12.85
CA SER A 137 -19.60 -29.51 11.93
C SER A 137 -18.20 -29.47 11.33
N TYR A 138 -17.60 -28.29 11.25
CA TYR A 138 -16.28 -28.07 10.71
C TYR A 138 -15.21 -28.15 11.78
N GLY A 139 -15.62 -28.08 13.04
CA GLY A 139 -14.70 -27.95 14.17
C GLY A 139 -13.98 -26.62 14.21
N ILE A 140 -14.64 -25.53 13.82
CA ILE A 140 -13.98 -24.22 13.76
C ILE A 140 -14.78 -23.22 14.58
N PRO A 141 -14.16 -22.10 14.97
CA PRO A 141 -14.91 -21.08 15.71
C PRO A 141 -15.87 -20.31 14.82
N PHE A 142 -16.96 -19.87 15.43
CA PHE A 142 -17.92 -18.96 14.80
C PHE A 142 -17.98 -17.68 15.62
N ILE A 143 -17.88 -16.53 14.94
CA ILE A 143 -17.96 -15.22 15.59
C ILE A 143 -18.87 -14.29 14.79
N GLU A 144 -19.84 -13.70 15.47
CA GLU A 144 -20.64 -12.68 14.82
C GLU A 144 -19.98 -11.32 14.98
N THR A 145 -20.00 -10.54 13.91
CA THR A 145 -19.32 -9.25 13.85
C THR A 145 -20.21 -8.18 13.26
N SER A 146 -19.81 -6.93 13.51
CA SER A 146 -20.31 -5.78 12.77
C SER A 146 -19.11 -4.88 12.49
N ALA A 147 -18.76 -4.70 11.22
CA ALA A 147 -17.74 -3.72 10.91
C ALA A 147 -18.20 -2.31 11.24
N LYS A 148 -19.51 -2.07 11.28
CA LYS A 148 -19.99 -0.73 11.58
C LYS A 148 -19.78 -0.37 13.05
N THR A 149 -20.16 -1.27 13.98
CA THR A 149 -20.07 -0.98 15.40
C THR A 149 -18.77 -1.45 16.02
N ARG A 150 -17.97 -2.18 15.27
CA ARG A 150 -16.73 -2.85 15.68
C ARG A 150 -17.00 -4.09 16.54
N GLN A 151 -18.25 -4.43 16.83
CA GLN A 151 -18.52 -5.68 17.57
C GLN A 151 -17.84 -6.90 16.94
N GLY A 152 -17.00 -7.57 17.73
CA GLY A 152 -16.40 -8.84 17.36
C GLY A 152 -15.26 -8.78 16.36
N VAL A 153 -14.85 -7.58 15.93
CA VAL A 153 -13.83 -7.46 14.90
C VAL A 153 -12.47 -7.96 15.41
N ASP A 154 -12.00 -7.42 16.54
CA ASP A 154 -10.74 -7.89 17.12
C ASP A 154 -10.83 -9.37 17.43
N ASP A 155 -11.92 -9.78 18.07
CA ASP A 155 -12.14 -11.18 18.40
C ASP A 155 -12.04 -12.08 17.16
N ALA A 156 -12.63 -11.69 16.04
CA ALA A 156 -12.59 -12.58 14.89
C ALA A 156 -11.16 -12.77 14.38
N PHE A 157 -10.42 -11.68 14.17
CA PHE A 157 -9.04 -11.80 13.69
C PHE A 157 -8.14 -12.45 14.74
N TYR A 158 -8.34 -12.15 16.03
CA TYR A 158 -7.41 -12.70 17.02
C TYR A 158 -7.67 -14.19 17.25
N THR A 159 -8.93 -14.59 17.18
CA THR A 159 -9.24 -16.01 17.23
C THR A 159 -8.56 -16.75 16.09
N LEU A 160 -8.55 -16.17 14.88
CA LEU A 160 -7.86 -16.80 13.76
C LEU A 160 -6.37 -16.98 14.06
N VAL A 161 -5.72 -15.96 14.66
CA VAL A 161 -4.32 -16.11 15.08
C VAL A 161 -4.18 -17.27 16.04
N ARG A 162 -5.10 -17.40 16.99
CA ARG A 162 -4.98 -18.48 17.97
C ARG A 162 -5.12 -19.85 17.33
N GLU A 163 -6.01 -19.97 16.33
CA GLU A 163 -6.16 -21.21 15.58
C GLU A 163 -4.90 -21.57 14.80
N ILE A 164 -4.24 -20.58 14.20
CA ILE A 164 -2.96 -20.83 13.52
C ILE A 164 -1.94 -21.31 14.52
N ARG A 165 -1.82 -20.57 15.63
CA ARG A 165 -0.82 -20.91 16.64
C ARG A 165 -1.01 -22.32 17.14
N LYS A 166 -2.25 -22.70 17.44
CA LYS A 166 -2.54 -24.05 17.90
C LYS A 166 -2.16 -25.09 16.86
N HIS A 167 -2.52 -24.84 15.60
CA HIS A 167 -2.19 -25.77 14.53
C HIS A 167 -0.70 -25.94 14.38
N LYS A 168 0.05 -24.85 14.43
CA LYS A 168 1.50 -24.95 14.27
C LYS A 168 2.15 -25.71 15.42
N GLU A 169 1.50 -25.80 16.58
CA GLU A 169 2.03 -26.59 17.70
C GLU A 169 1.24 -27.88 17.87
N ASN B 4 -21.71 1.58 -39.08
CA ASN B 4 -21.40 1.54 -37.64
C ASN B 4 -21.02 2.94 -37.16
N PRO B 5 -21.59 3.35 -36.04
CA PRO B 5 -21.27 4.68 -35.51
C PRO B 5 -19.89 4.71 -34.88
N THR B 6 -19.29 5.90 -34.88
CA THR B 6 -18.01 6.18 -34.25
CA THR B 6 -18.02 6.16 -34.22
C THR B 6 -18.26 7.19 -33.14
N VAL B 7 -17.65 6.98 -31.97
CA VAL B 7 -17.81 7.98 -30.92
C VAL B 7 -16.42 8.33 -30.42
N PHE B 8 -16.32 9.49 -29.75
CA PHE B 8 -15.02 9.90 -29.22
C PHE B 8 -15.12 10.24 -27.74
N PHE B 9 -13.97 10.11 -27.08
CA PHE B 9 -13.71 10.53 -25.71
C PHE B 9 -12.50 11.45 -25.78
N ASP B 10 -12.59 12.64 -25.20
CA ASP B 10 -11.41 13.45 -24.94
C ASP B 10 -11.00 13.20 -23.49
N ILE B 11 -9.85 12.55 -23.31
CA ILE B 11 -9.39 12.08 -22.00
C ILE B 11 -8.58 13.18 -21.35
N ALA B 12 -8.81 13.46 -20.06
CA ALA B 12 -8.05 14.49 -19.35
C ALA B 12 -7.40 13.86 -18.11
N VAL B 13 -6.29 14.46 -17.64
CA VAL B 13 -5.57 13.98 -16.47
C VAL B 13 -5.51 15.14 -15.49
N ASP B 14 -6.22 15.01 -14.35
CA ASP B 14 -6.43 16.18 -13.46
C ASP B 14 -6.82 17.42 -14.28
N GLY B 15 -7.69 17.21 -15.28
CA GLY B 15 -8.25 18.28 -16.09
C GLY B 15 -7.43 18.69 -17.29
N GLU B 16 -6.14 18.23 -17.41
CA GLU B 16 -5.30 18.58 -18.56
C GLU B 16 -5.50 17.60 -19.69
N PRO B 17 -5.71 18.06 -20.93
CA PRO B 17 -5.93 17.13 -22.04
C PRO B 17 -4.77 16.16 -22.20
N LEU B 18 -5.11 14.87 -22.28
CA LEU B 18 -4.21 13.79 -22.66
C LEU B 18 -4.31 13.51 -24.17
N GLY B 19 -5.52 13.25 -24.66
CA GLY B 19 -5.72 13.05 -26.07
C GLY B 19 -7.09 12.44 -26.32
N ARG B 20 -7.39 12.26 -27.58
CA ARG B 20 -8.68 11.72 -28.00
C ARG B 20 -8.60 10.23 -28.29
N VAL B 21 -9.59 9.48 -27.82
CA VAL B 21 -9.78 8.08 -28.18
C VAL B 21 -11.08 8.00 -28.95
N SER B 22 -11.03 7.42 -30.13
CA SER B 22 -12.26 7.17 -30.86
C SER B 22 -12.54 5.67 -30.95
N PHE B 23 -13.82 5.33 -31.07
CA PHE B 23 -14.28 3.93 -31.06
C PHE B 23 -15.20 3.67 -32.23
N GLU B 24 -15.04 2.52 -32.89
CA GLU B 24 -16.08 1.98 -33.77
C GLU B 24 -17.00 1.14 -32.89
N LEU B 25 -18.30 1.37 -33.01
CA LEU B 25 -19.29 0.61 -32.26
C LEU B 25 -19.97 -0.37 -33.21
N PHE B 26 -19.99 -1.64 -32.82
CA PHE B 26 -20.40 -2.70 -33.73
C PHE B 26 -21.93 -2.85 -33.74
N ALA B 27 -22.61 -1.79 -34.21
CA ALA B 27 -24.07 -1.82 -34.32
C ALA B 27 -24.55 -2.93 -35.24
N ASP B 28 -23.74 -3.30 -36.24
CA ASP B 28 -24.12 -4.35 -37.18
C ASP B 28 -24.25 -5.71 -36.51
N LYS B 29 -23.52 -5.94 -35.42
CA LYS B 29 -23.54 -7.22 -34.73
C LYS B 29 -24.06 -7.16 -33.31
N VAL B 30 -24.00 -6.01 -32.65
CA VAL B 30 -24.44 -5.90 -31.26
C VAL B 30 -25.25 -4.61 -31.14
N PRO B 31 -26.40 -4.49 -31.82
CA PRO B 31 -27.05 -3.18 -31.95
C PRO B 31 -27.48 -2.55 -30.64
N LYS B 32 -28.12 -3.32 -29.76
CA LYS B 32 -28.68 -2.75 -28.53
C LYS B 32 -27.59 -2.23 -27.62
N THR B 33 -26.49 -3.00 -27.53
CA THR B 33 -25.37 -2.58 -26.68
C THR B 33 -24.59 -1.43 -27.31
N ALA B 34 -24.45 -1.45 -28.65
CA ALA B 34 -23.79 -0.34 -29.30
C ALA B 34 -24.58 0.96 -29.13
N GLU B 35 -25.91 0.89 -29.23
CA GLU B 35 -26.75 2.07 -29.15
C GLU B 35 -26.72 2.69 -27.75
N ASN B 36 -26.69 1.86 -26.69
CA ASN B 36 -26.52 2.39 -25.32
C ASN B 36 -25.25 3.20 -25.20
N PHE B 37 -24.13 2.64 -25.68
CA PHE B 37 -22.87 3.36 -25.53
C PHE B 37 -22.84 4.61 -26.40
N ARG B 38 -23.37 4.52 -27.63
CA ARG B 38 -23.47 5.71 -28.48
C ARG B 38 -24.23 6.83 -27.78
N ALA B 39 -25.42 6.51 -27.25
CA ALA B 39 -26.28 7.54 -26.67
C ALA B 39 -25.69 8.10 -25.39
N LEU B 40 -25.01 7.27 -24.59
CA LEU B 40 -24.39 7.74 -23.37
C LEU B 40 -23.21 8.67 -23.70
N SER B 41 -22.58 8.44 -24.87
CA SER B 41 -21.50 9.29 -25.35
C SER B 41 -21.96 10.64 -25.88
N THR B 42 -23.16 10.72 -26.48
CA THR B 42 -23.68 12.02 -26.90
C THR B 42 -24.37 12.79 -25.79
N GLY B 43 -24.79 12.11 -24.74
CA GLY B 43 -25.57 12.70 -23.68
C GLY B 43 -27.02 12.95 -24.04
N GLU B 44 -27.47 12.46 -25.19
CA GLU B 44 -28.74 12.91 -25.73
C GLU B 44 -29.93 12.53 -24.87
N LYS B 45 -29.83 11.53 -23.98
CA LYS B 45 -30.93 11.19 -23.08
C LYS B 45 -30.96 12.06 -21.83
N GLY B 46 -30.02 13.00 -21.71
CA GLY B 46 -29.91 13.86 -20.54
C GLY B 46 -28.96 13.36 -19.48
N PHE B 47 -28.28 12.23 -19.71
CA PHE B 47 -27.24 11.72 -18.82
C PHE B 47 -26.21 10.96 -19.67
N GLY B 48 -25.03 10.70 -19.10
CA GLY B 48 -24.05 9.99 -19.90
C GLY B 48 -22.64 10.11 -19.34
N TYR B 49 -21.66 9.83 -20.22
CA TYR B 49 -20.29 9.66 -19.81
C TYR B 49 -19.55 10.97 -19.55
N LYS B 50 -19.98 12.09 -20.14
CA LYS B 50 -19.20 13.33 -20.03
C LYS B 50 -18.99 13.72 -18.58
N GLY B 51 -17.72 13.83 -18.18
CA GLY B 51 -17.34 14.21 -16.80
C GLY B 51 -16.90 13.03 -15.95
N SER B 52 -17.28 11.83 -16.37
CA SER B 52 -17.04 10.64 -15.54
C SER B 52 -15.59 10.17 -15.65
N CYS B 53 -15.22 9.27 -14.75
CA CYS B 53 -13.79 8.91 -14.74
C CYS B 53 -13.48 7.45 -15.04
N PHE B 54 -12.22 7.20 -15.35
CA PHE B 54 -11.74 5.80 -15.44
C PHE B 54 -11.26 5.48 -14.04
N HIS B 55 -12.04 4.68 -13.30
CA HIS B 55 -11.73 4.49 -11.86
C HIS B 55 -10.78 3.32 -11.60
N ARG B 56 -10.66 2.45 -12.59
CA ARG B 56 -9.85 1.26 -12.40
C ARG B 56 -8.96 1.10 -13.63
N ILE B 57 -7.66 1.30 -13.47
CA ILE B 57 -6.73 1.16 -14.59
C ILE B 57 -5.69 0.16 -14.16
N ILE B 58 -5.70 -1.03 -14.76
CA ILE B 58 -4.72 -2.03 -14.37
C ILE B 58 -3.79 -2.26 -15.55
N PRO B 59 -2.53 -1.83 -15.47
CA PRO B 59 -1.65 -1.93 -16.62
C PRO B 59 -1.50 -3.37 -17.09
N GLY B 60 -1.54 -3.55 -18.40
CA GLY B 60 -1.40 -4.88 -18.97
C GLY B 60 -2.68 -5.65 -19.05
N PHE B 61 -3.79 -5.10 -18.53
CA PHE B 61 -5.10 -5.71 -18.65
C PHE B 61 -6.15 -4.78 -19.27
N MET B 62 -6.58 -3.72 -18.56
N MET B 62 -6.53 -3.70 -18.58
CA MET B 62 -7.67 -2.91 -19.08
CA MET B 62 -7.64 -2.91 -19.10
C MET B 62 -7.75 -1.58 -18.35
C MET B 62 -7.77 -1.59 -18.34
N CYS B 63 -8.50 -0.67 -18.98
CA CYS B 63 -8.96 0.60 -18.41
C CYS B 63 -10.48 0.55 -18.29
N GLN B 64 -11.01 0.69 -17.08
CA GLN B 64 -12.47 0.60 -16.83
C GLN B 64 -13.02 1.95 -16.34
N GLY B 65 -14.20 2.32 -16.86
CA GLY B 65 -14.86 3.54 -16.39
C GLY B 65 -16.36 3.48 -16.63
N GLY B 66 -17.03 4.63 -16.59
CA GLY B 66 -18.45 4.69 -16.95
C GLY B 66 -19.44 4.86 -15.80
N ASP B 67 -18.96 5.04 -14.57
CA ASP B 67 -19.93 5.24 -13.49
C ASP B 67 -20.20 6.74 -13.36
N PHE B 68 -21.27 7.19 -13.97
CA PHE B 68 -21.66 8.58 -13.89
C PHE B 68 -22.80 8.83 -12.89
N THR B 69 -23.25 7.79 -12.18
CA THR B 69 -24.33 8.03 -11.23
C THR B 69 -23.85 8.04 -9.79
N ARG B 70 -22.91 7.16 -9.44
CA ARG B 70 -22.39 7.18 -8.07
C ARG B 70 -20.95 7.68 -7.97
N HIS B 71 -20.22 7.72 -9.10
CA HIS B 71 -18.93 8.40 -9.18
C HIS B 71 -17.91 7.71 -8.30
N ASN B 72 -18.05 6.40 -8.13
CA ASN B 72 -17.15 5.69 -7.23
C ASN B 72 -16.95 4.23 -7.67
N GLY B 73 -17.28 3.88 -8.93
CA GLY B 73 -17.06 2.54 -9.44
C GLY B 73 -18.13 1.55 -9.10
N THR B 74 -19.21 1.99 -8.43
CA THR B 74 -20.26 1.07 -8.04
C THR B 74 -21.49 1.24 -8.89
N GLY B 75 -21.59 2.35 -9.63
CA GLY B 75 -22.85 2.74 -10.23
C GLY B 75 -22.87 2.75 -11.75
N GLY B 76 -23.70 3.62 -12.30
CA GLY B 76 -23.97 3.65 -13.72
C GLY B 76 -25.38 3.13 -14.04
N LYS B 77 -25.85 3.48 -15.22
CA LYS B 77 -27.15 3.02 -15.72
C LYS B 77 -27.17 3.12 -17.23
N SER B 78 -28.06 2.36 -17.83
CA SER B 78 -28.20 2.32 -19.27
C SER B 78 -29.33 3.26 -19.73
N ILE B 79 -29.44 3.43 -21.05
CA ILE B 79 -30.61 4.11 -21.59
C ILE B 79 -31.88 3.28 -21.52
N TYR B 80 -31.81 2.03 -21.10
CA TYR B 80 -32.96 1.16 -21.07
C TYR B 80 -33.50 0.95 -19.67
N GLY B 81 -32.90 1.58 -18.67
CA GLY B 81 -33.16 1.25 -17.28
C GLY B 81 -31.86 1.01 -16.56
N GLU B 82 -31.94 0.57 -15.31
CA GLU B 82 -30.74 0.38 -14.52
C GLU B 82 -29.83 -0.66 -15.14
N LYS B 83 -30.40 -1.74 -15.66
CA LYS B 83 -29.60 -2.80 -16.24
C LYS B 83 -30.29 -3.30 -17.50
N PHE B 84 -29.50 -3.93 -18.36
CA PHE B 84 -30.11 -4.66 -19.46
C PHE B 84 -29.36 -5.97 -19.70
N GLU B 85 -30.01 -6.86 -20.47
CA GLU B 85 -29.53 -8.22 -20.58
C GLU B 85 -28.31 -8.29 -21.50
N ASP B 86 -27.53 -9.36 -21.32
CA ASP B 86 -26.44 -9.67 -22.23
C ASP B 86 -27.00 -9.97 -23.62
N GLU B 87 -26.62 -9.13 -24.58
CA GLU B 87 -27.24 -9.17 -25.90
C GLU B 87 -26.78 -10.37 -26.71
N ASN B 88 -25.47 -10.58 -26.82
CA ASN B 88 -24.93 -11.80 -27.39
C ASN B 88 -23.47 -11.85 -26.98
N PHE B 89 -22.83 -12.97 -27.32
CA PHE B 89 -21.41 -13.14 -27.08
C PHE B 89 -20.70 -13.47 -28.38
N ILE B 90 -21.18 -12.87 -29.49
CA ILE B 90 -20.61 -13.15 -30.81
C ILE B 90 -19.14 -12.79 -30.84
N LEU B 91 -18.81 -11.58 -30.36
CA LEU B 91 -17.44 -11.15 -30.43
C LEU B 91 -16.67 -11.50 -29.16
N LYS B 92 -15.38 -11.71 -29.34
CA LYS B 92 -14.48 -12.12 -28.28
C LYS B 92 -13.43 -11.06 -27.99
N HIS B 93 -12.77 -11.24 -26.83
CA HIS B 93 -11.78 -10.30 -26.33
C HIS B 93 -10.43 -10.71 -26.91
N THR B 94 -10.17 -10.28 -28.15
CA THR B 94 -9.08 -10.85 -28.92
C THR B 94 -7.74 -10.14 -28.75
N GLY B 95 -7.74 -8.94 -28.17
CA GLY B 95 -6.49 -8.24 -27.95
C GLY B 95 -6.71 -6.80 -27.55
N PRO B 96 -5.63 -6.01 -27.62
CA PRO B 96 -5.72 -4.60 -27.25
C PRO B 96 -6.72 -3.83 -28.11
N GLY B 97 -7.41 -2.89 -27.47
CA GLY B 97 -8.35 -2.05 -28.15
C GLY B 97 -9.80 -2.48 -28.06
N ILE B 98 -10.07 -3.75 -27.71
CA ILE B 98 -11.45 -4.19 -27.56
C ILE B 98 -12.22 -3.41 -26.49
N LEU B 99 -13.47 -3.06 -26.83
CA LEU B 99 -14.39 -2.33 -25.97
C LEU B 99 -15.52 -3.28 -25.57
N SER B 100 -15.71 -3.48 -24.26
CA SER B 100 -16.59 -4.52 -23.75
C SER B 100 -17.34 -4.00 -22.51
N MET B 101 -18.49 -4.60 -22.22
CA MET B 101 -19.28 -4.13 -21.08
C MET B 101 -18.78 -4.73 -19.77
N ALA B 102 -18.64 -3.88 -18.77
CA ALA B 102 -18.44 -4.37 -17.42
C ALA B 102 -19.77 -4.82 -16.84
N ASN B 103 -19.72 -5.67 -15.81
CA ASN B 103 -20.98 -6.16 -15.23
C ASN B 103 -20.69 -6.79 -13.88
N ALA B 104 -21.79 -7.12 -13.17
CA ALA B 104 -21.73 -7.77 -11.89
C ALA B 104 -22.32 -9.17 -11.94
N GLY B 105 -22.18 -9.85 -13.09
CA GLY B 105 -22.83 -11.14 -13.30
C GLY B 105 -23.77 -11.08 -14.48
N PRO B 106 -24.49 -12.15 -14.73
CA PRO B 106 -25.29 -12.22 -15.97
C PRO B 106 -26.36 -11.13 -16.01
N ASN B 107 -26.55 -10.57 -17.20
CA ASN B 107 -27.62 -9.60 -17.45
C ASN B 107 -27.62 -8.42 -16.48
N THR B 108 -26.42 -7.84 -16.24
CA THR B 108 -26.33 -6.66 -15.36
C THR B 108 -25.61 -5.52 -16.06
N ASN B 109 -25.76 -5.44 -17.37
CA ASN B 109 -25.12 -4.34 -18.10
C ASN B 109 -25.78 -3.01 -17.77
N GLY B 110 -24.96 -1.99 -17.57
CA GLY B 110 -25.44 -0.66 -17.26
C GLY B 110 -24.75 0.37 -18.15
N SER B 111 -23.81 1.11 -17.58
CA SER B 111 -22.96 1.98 -18.37
C SER B 111 -21.48 1.66 -18.23
N GLN B 112 -21.06 1.04 -17.14
CA GLN B 112 -19.62 0.76 -17.04
C GLN B 112 -19.11 -0.13 -18.17
N PHE B 113 -17.87 0.13 -18.59
CA PHE B 113 -17.28 -0.47 -19.77
C PHE B 113 -15.79 -0.61 -19.50
N PHE B 114 -15.10 -1.38 -20.33
CA PHE B 114 -13.66 -1.40 -20.25
C PHE B 114 -13.03 -1.52 -21.65
N ILE B 115 -11.84 -0.98 -21.76
CA ILE B 115 -11.03 -1.04 -22.96
C ILE B 115 -9.86 -1.97 -22.66
N CYS B 116 -9.73 -3.05 -23.42
CA CYS B 116 -8.62 -3.96 -23.16
C CYS B 116 -7.30 -3.38 -23.59
N THR B 117 -6.24 -3.65 -22.83
CA THR B 117 -4.90 -3.32 -23.30
C THR B 117 -4.10 -4.57 -23.62
N ALA B 118 -4.76 -5.74 -23.57
CA ALA B 118 -4.19 -7.04 -23.90
C ALA B 118 -5.35 -7.97 -24.17
N LYS B 119 -5.04 -9.18 -24.64
CA LYS B 119 -6.08 -10.19 -24.82
C LYS B 119 -6.63 -10.63 -23.47
N THR B 120 -7.96 -10.69 -23.33
CA THR B 120 -8.58 -11.09 -22.06
C THR B 120 -9.63 -12.16 -22.35
N GLU B 121 -9.15 -13.30 -22.84
CA GLU B 121 -10.02 -14.35 -23.35
C GLU B 121 -10.86 -15.00 -22.26
N TRP B 122 -10.39 -14.98 -21.01
CA TRP B 122 -11.18 -15.54 -19.92
C TRP B 122 -12.50 -14.79 -19.71
N LEU B 123 -12.64 -13.57 -20.24
CA LEU B 123 -13.89 -12.82 -20.17
C LEU B 123 -14.84 -13.19 -21.31
N ASP B 124 -14.43 -14.00 -22.27
CA ASP B 124 -15.32 -14.34 -23.37
C ASP B 124 -16.53 -15.09 -22.84
N GLY B 125 -17.72 -14.77 -23.36
CA GLY B 125 -18.92 -15.47 -22.93
C GLY B 125 -19.50 -14.92 -21.65
N LYS B 126 -18.84 -13.97 -21.01
CA LYS B 126 -19.25 -13.37 -19.77
C LYS B 126 -19.45 -11.85 -19.87
N HIS B 127 -18.71 -11.20 -20.75
CA HIS B 127 -18.82 -9.77 -21.01
C HIS B 127 -19.10 -9.57 -22.49
N VAL B 128 -20.05 -8.69 -22.79
CA VAL B 128 -20.44 -8.43 -24.17
C VAL B 128 -19.47 -7.43 -24.82
N VAL B 129 -18.67 -7.92 -25.77
CA VAL B 129 -17.86 -7.09 -26.67
C VAL B 129 -18.76 -6.39 -27.68
N PHE B 130 -18.54 -5.07 -27.87
CA PHE B 130 -19.42 -4.32 -28.78
C PHE B 130 -18.69 -3.20 -29.52
N GLY B 131 -17.36 -3.09 -29.46
CA GLY B 131 -16.68 -2.06 -30.21
C GLY B 131 -15.18 -2.27 -30.12
N LYS B 132 -14.43 -1.36 -30.75
CA LYS B 132 -12.98 -1.34 -30.62
C LYS B 132 -12.48 0.08 -30.79
N VAL B 133 -11.32 0.35 -30.19
CA VAL B 133 -10.60 1.59 -30.44
C VAL B 133 -10.24 1.69 -31.93
N LYS B 134 -10.54 2.84 -32.50
CA LYS B 134 -10.27 3.19 -33.88
C LYS B 134 -8.98 3.99 -33.91
N GLU B 135 -9.03 5.21 -33.39
CA GLU B 135 -7.83 6.02 -33.22
C GLU B 135 -7.60 6.28 -31.74
N GLY B 136 -6.34 6.49 -31.38
CA GLY B 136 -6.00 6.85 -30.01
C GLY B 136 -5.58 5.72 -29.10
N MET B 137 -5.21 4.56 -29.65
CA MET B 137 -4.65 3.53 -28.79
C MET B 137 -3.42 4.01 -28.04
N ASN B 138 -2.66 4.95 -28.62
CA ASN B 138 -1.55 5.52 -27.86
C ASN B 138 -2.04 6.33 -26.66
N ILE B 139 -3.26 6.86 -26.72
CA ILE B 139 -3.80 7.55 -25.55
C ILE B 139 -4.15 6.56 -24.45
N VAL B 140 -4.75 5.43 -24.82
CA VAL B 140 -5.07 4.40 -23.83
C VAL B 140 -3.79 3.88 -23.19
N GLU B 141 -2.76 3.63 -24.01
CA GLU B 141 -1.48 3.22 -23.45
C GLU B 141 -0.93 4.25 -22.47
N ALA B 142 -1.08 5.52 -22.78
CA ALA B 142 -0.59 6.56 -21.88
C ALA B 142 -1.39 6.60 -20.57
N MET B 143 -2.66 6.18 -20.59
CA MET B 143 -3.47 6.14 -19.37
C MET B 143 -2.90 5.17 -18.34
N GLU B 144 -2.12 4.20 -18.78
CA GLU B 144 -1.66 3.17 -17.85
C GLU B 144 -0.62 3.70 -16.88
N ARG B 145 0.05 4.81 -17.20
CA ARG B 145 0.99 5.42 -16.28
C ARG B 145 0.35 5.70 -14.92
N PHE B 146 -0.96 5.88 -14.92
CA PHE B 146 -1.69 6.38 -13.76
C PHE B 146 -2.45 5.27 -13.04
N GLY B 147 -2.29 4.03 -13.47
CA GLY B 147 -2.92 2.90 -12.82
C GLY B 147 -1.97 2.17 -11.90
N SER B 148 -2.39 0.96 -11.50
CA SER B 148 -1.66 0.18 -10.52
C SER B 148 -2.24 -1.22 -10.53
N ARG B 149 -1.60 -2.10 -9.77
CA ARG B 149 -1.98 -3.51 -9.78
C ARG B 149 -3.43 -3.69 -9.32
N ASN B 150 -3.86 -2.95 -8.29
CA ASN B 150 -5.25 -3.08 -7.84
C ASN B 150 -6.19 -2.08 -8.54
N GLY B 151 -5.67 -1.36 -9.53
CA GLY B 151 -6.45 -0.49 -10.38
C GLY B 151 -6.65 0.93 -9.88
N LYS B 152 -6.28 1.23 -8.63
CA LYS B 152 -6.43 2.60 -8.19
C LYS B 152 -5.53 3.52 -9.03
N THR B 153 -6.04 4.70 -9.32
CA THR B 153 -5.35 5.67 -10.18
C THR B 153 -4.65 6.74 -9.34
N SER B 154 -3.46 7.12 -9.77
CA SER B 154 -2.70 8.11 -9.00
C SER B 154 -3.06 9.54 -9.37
N LYS B 155 -3.88 9.74 -10.40
CA LYS B 155 -4.41 11.03 -10.84
C LYS B 155 -5.81 10.77 -11.34
N LYS B 156 -6.59 11.82 -11.45
CA LYS B 156 -8.00 11.69 -11.87
C LYS B 156 -8.05 11.66 -13.40
N ILE B 157 -8.45 10.52 -13.94
CA ILE B 157 -8.50 10.29 -15.41
C ILE B 157 -9.97 10.39 -15.84
N THR B 158 -10.30 11.46 -16.54
CA THR B 158 -11.70 11.71 -16.87
C THR B 158 -11.99 11.83 -18.34
N ILE B 159 -13.25 11.58 -18.67
CA ILE B 159 -13.79 11.85 -20.00
C ILE B 159 -14.23 13.31 -19.95
N ALA B 160 -13.31 14.20 -20.32
CA ALA B 160 -13.64 15.61 -20.26
C ALA B 160 -14.71 16.00 -21.27
N ASP B 161 -14.71 15.31 -22.42
CA ASP B 161 -15.72 15.55 -23.45
C ASP B 161 -15.91 14.26 -24.20
N CYS B 162 -17.08 14.11 -24.80
CA CYS B 162 -17.36 12.91 -25.59
C CYS B 162 -18.52 13.23 -26.50
N GLY B 163 -18.63 12.45 -27.56
CA GLY B 163 -19.66 12.66 -28.56
C GLY B 163 -19.56 11.66 -29.67
N GLN B 164 -20.38 11.89 -30.70
CA GLN B 164 -20.43 11.04 -31.87
C GLN B 164 -19.75 11.78 -33.02
N LEU B 165 -18.95 11.05 -33.80
CA LEU B 165 -18.26 11.60 -34.95
C LEU B 165 -18.98 11.27 -36.22
N GLU B 166 -18.39 11.73 -37.33
CA GLU B 166 -18.75 11.46 -38.73
C GLU B 166 -20.24 11.65 -39.00
N SER C 1 2.31 -24.48 -12.25
CA SER C 1 1.21 -23.55 -12.01
C SER C 1 1.77 -22.17 -11.55
N MET C 2 1.72 -21.86 -10.25
CA MET C 2 2.26 -20.62 -9.70
C MET C 2 2.98 -20.92 -8.39
N THR C 3 3.97 -20.07 -8.04
CA THR C 3 4.56 -20.04 -6.69
C THR C 3 4.59 -18.59 -6.24
N GLU C 4 5.07 -18.38 -5.01
CA GLU C 4 5.10 -17.08 -4.38
C GLU C 4 6.34 -17.03 -3.51
N TYR C 5 7.05 -15.90 -3.55
CA TYR C 5 8.32 -15.74 -2.82
C TYR C 5 8.28 -14.46 -2.01
N LYS C 6 8.72 -14.56 -0.74
CA LYS C 6 8.90 -13.39 0.12
C LYS C 6 10.35 -12.93 0.02
N LEU C 7 10.55 -11.79 -0.66
CA LEU C 7 11.86 -11.19 -0.86
C LEU C 7 12.01 -10.00 0.07
N VAL C 8 13.14 -9.90 0.76
CA VAL C 8 13.39 -8.76 1.65
C VAL C 8 14.60 -8.00 1.14
N VAL C 9 14.47 -6.66 1.02
CA VAL C 9 15.55 -5.79 0.53
C VAL C 9 16.16 -5.09 1.74
N VAL C 10 17.46 -5.29 1.96
CA VAL C 10 18.19 -4.74 3.11
C VAL C 10 19.47 -4.05 2.63
N GLY C 11 20.02 -3.20 3.49
CA GLY C 11 21.21 -2.42 3.14
C GLY C 11 21.18 -1.06 3.80
N ALA C 12 22.35 -0.41 3.82
CA ALA C 12 22.54 0.84 4.55
C ALA C 12 21.65 1.95 4.00
N VAL C 13 21.48 3.02 4.80
CA VAL C 13 20.62 4.13 4.38
C VAL C 13 21.10 4.70 3.06
N GLY C 14 20.15 4.89 2.13
CA GLY C 14 20.41 5.57 0.87
C GLY C 14 21.13 4.76 -0.19
N VAL C 15 21.31 3.45 -0.01
CA VAL C 15 22.06 2.72 -1.07
C VAL C 15 21.22 2.50 -2.32
N GLY C 16 19.89 2.60 -2.21
CA GLY C 16 19.01 2.49 -3.36
C GLY C 16 18.06 1.32 -3.27
N LYS C 17 17.72 0.93 -2.03
CA LYS C 17 16.81 -0.19 -1.81
C LYS C 17 15.44 0.10 -2.43
N SER C 18 14.92 1.31 -2.17
CA SER C 18 13.60 1.67 -2.67
C SER C 18 13.65 1.96 -4.17
N ALA C 19 14.72 2.61 -4.65
CA ALA C 19 14.80 2.91 -6.08
C ALA C 19 14.85 1.62 -6.90
N LEU C 20 15.55 0.60 -6.39
CA LEU C 20 15.56 -0.72 -7.03
C LEU C 20 14.17 -1.36 -7.02
N THR C 21 13.47 -1.29 -5.87
CA THR C 21 12.13 -1.87 -5.77
C THR C 21 11.13 -1.15 -6.68
N ILE C 22 11.22 0.18 -6.76
CA ILE C 22 10.27 0.94 -7.57
C ILE C 22 10.55 0.72 -9.05
N GLN C 23 11.82 0.47 -9.42
CA GLN C 23 12.05 0.14 -10.83
C GLN C 23 11.42 -1.21 -11.16
N LEU C 24 11.46 -2.13 -10.22
CA LEU C 24 10.83 -3.42 -10.46
C LEU C 24 9.31 -3.31 -10.48
N ILE C 25 8.72 -2.54 -9.56
CA ILE C 25 7.26 -2.49 -9.42
C ILE C 25 6.64 -1.50 -10.40
N GLN C 26 7.25 -0.31 -10.55
CA GLN C 26 6.63 0.80 -11.27
C GLN C 26 7.40 1.22 -12.53
N ASN C 27 8.48 0.52 -12.87
CA ASN C 27 9.24 0.77 -14.10
C ASN C 27 9.59 2.25 -14.30
N HIS C 28 10.05 2.89 -13.24
CA HIS C 28 10.55 4.26 -13.36
C HIS C 28 11.45 4.60 -12.18
N PHE C 29 12.13 5.74 -12.31
CA PHE C 29 13.15 6.19 -11.37
C PHE C 29 13.02 7.70 -11.27
N VAL C 30 13.25 8.25 -10.08
CA VAL C 30 13.43 9.68 -9.89
C VAL C 30 14.60 9.89 -8.94
N ASP C 31 15.31 11.02 -9.12
CA ASP C 31 16.47 11.31 -8.29
C ASP C 31 16.10 11.72 -6.86
N GLU C 32 14.83 12.04 -6.62
CA GLU C 32 14.42 12.49 -5.32
C GLU C 32 14.48 11.32 -4.34
N TYR C 33 14.86 11.62 -3.11
CA TYR C 33 14.98 10.63 -2.05
C TYR C 33 13.74 10.67 -1.17
N ASP C 34 13.11 9.53 -0.95
CA ASP C 34 11.93 9.40 -0.10
C ASP C 34 12.29 8.35 0.95
N PRO C 35 12.79 8.78 2.11
CA PRO C 35 13.27 7.84 3.12
C PRO C 35 12.18 6.89 3.57
N THR C 36 12.56 5.63 3.68
CA THR C 36 11.65 4.52 4.00
C THR C 36 11.46 4.31 5.48
N ILE C 37 10.21 4.15 5.89
CA ILE C 37 9.92 3.52 7.16
C ILE C 37 9.75 2.02 6.89
N GLU C 38 8.82 1.66 6.01
CA GLU C 38 8.58 0.27 5.62
C GLU C 38 7.56 0.29 4.50
N ASP C 39 7.81 -0.49 3.44
CA ASP C 39 6.83 -0.58 2.35
C ASP C 39 6.84 -1.99 1.82
N SER C 40 5.71 -2.38 1.24
CA SER C 40 5.53 -3.73 0.71
C SER C 40 4.87 -3.64 -0.65
N TYR C 41 5.28 -4.54 -1.54
CA TYR C 41 4.76 -4.60 -2.92
C TYR C 41 4.53 -6.04 -3.32
N ARG C 42 3.61 -6.23 -4.27
CA ARG C 42 3.34 -7.54 -4.86
C ARG C 42 3.34 -7.39 -6.38
N LYS C 43 3.98 -8.35 -7.08
CA LYS C 43 3.98 -8.31 -8.54
C LYS C 43 4.02 -9.74 -9.08
N GLN C 44 3.27 -9.99 -10.16
CA GLN C 44 3.30 -11.29 -10.82
C GLN C 44 4.25 -11.20 -12.02
N VAL C 45 5.22 -12.14 -12.06
CA VAL C 45 6.25 -12.21 -13.10
C VAL C 45 6.40 -13.66 -13.55
N VAL C 46 7.08 -13.84 -14.68
CA VAL C 46 7.44 -15.18 -15.15
C VAL C 46 8.96 -15.26 -15.20
N ILE C 47 9.54 -16.15 -14.40
CA ILE C 47 10.99 -16.29 -14.30
C ILE C 47 11.35 -17.68 -14.79
N ASP C 48 12.18 -17.74 -15.81
CA ASP C 48 12.53 -19.02 -16.49
C ASP C 48 11.30 -19.86 -16.79
N GLY C 49 10.27 -19.21 -17.31
CA GLY C 49 9.12 -19.98 -17.72
C GLY C 49 8.16 -20.34 -16.62
N GLU C 50 8.44 -19.94 -15.38
N GLU C 50 8.45 -19.99 -15.37
CA GLU C 50 7.66 -20.31 -14.20
CA GLU C 50 7.59 -20.36 -14.25
C GLU C 50 7.04 -19.05 -13.58
C GLU C 50 7.04 -19.11 -13.57
N THR C 51 5.71 -19.00 -13.57
CA THR C 51 5.02 -17.83 -13.05
C THR C 51 5.11 -17.80 -11.54
N CYS C 52 5.36 -16.61 -11.00
CA CYS C 52 5.32 -16.51 -9.56
C CYS C 52 4.85 -15.12 -9.14
N LEU C 53 4.39 -15.03 -7.89
CA LEU C 53 4.13 -13.77 -7.23
C LEU C 53 5.34 -13.40 -6.39
N LEU C 54 5.84 -12.18 -6.53
CA LEU C 54 6.91 -11.65 -5.68
C LEU C 54 6.28 -10.76 -4.63
N ASP C 55 6.51 -11.07 -3.35
CA ASP C 55 6.14 -10.18 -2.26
C ASP C 55 7.45 -9.52 -1.85
N ILE C 56 7.56 -8.22 -2.10
CA ILE C 56 8.80 -7.50 -1.83
C ILE C 56 8.59 -6.65 -0.59
N LEU C 57 9.41 -6.88 0.40
CA LEU C 57 9.44 -6.04 1.60
C LEU C 57 10.63 -5.10 1.49
N ASP C 58 10.34 -3.79 1.37
CA ASP C 58 11.36 -2.77 1.23
C ASP C 58 11.61 -2.18 2.62
N THR C 59 12.76 -2.49 3.22
CA THR C 59 13.02 -2.13 4.61
C THR C 59 13.83 -0.83 4.65
N ALA C 60 13.81 -0.18 5.82
CA ALA C 60 14.60 1.03 6.00
C ALA C 60 16.05 0.62 6.26
N GLY C 61 16.98 1.49 5.87
CA GLY C 61 18.37 1.25 6.26
C GLY C 61 18.61 1.29 7.76
N GLN C 62 17.77 1.99 8.53
N GLN C 62 17.75 1.98 8.52
CA GLN C 62 18.04 2.07 9.96
CA GLN C 62 17.92 2.09 9.98
C GLN C 62 18.19 0.68 10.56
C GLN C 62 18.00 0.71 10.65
N GLU C 63 18.77 0.60 11.74
CA GLU C 63 19.03 -0.70 12.36
C GLU C 63 18.59 -0.87 13.82
N GLU C 64 17.92 0.11 14.43
CA GLU C 64 17.82 0.20 15.89
C GLU C 64 16.58 -0.47 16.51
N TYR C 65 15.80 -1.20 15.73
CA TYR C 65 14.56 -1.85 16.14
C TYR C 65 14.75 -3.34 15.90
N SER C 66 15.53 -3.97 16.79
CA SER C 66 15.95 -5.35 16.56
C SER C 66 14.79 -6.33 16.51
N ALA C 67 13.76 -6.12 17.32
CA ALA C 67 12.66 -7.10 17.28
C ALA C 67 11.97 -7.09 15.93
N MET C 68 11.77 -5.90 15.37
CA MET C 68 11.17 -5.85 14.04
C MET C 68 12.12 -6.36 12.96
N ARG C 69 13.40 -6.02 13.05
CA ARG C 69 14.38 -6.48 12.07
C ARG C 69 14.49 -7.99 12.09
N ASP C 70 14.54 -8.58 13.28
CA ASP C 70 14.55 -10.04 13.39
C ASP C 70 13.35 -10.67 12.69
N GLN C 71 12.18 -10.07 12.83
CA GLN C 71 10.99 -10.66 12.21
C GLN C 71 11.05 -10.58 10.69
N TYR C 72 11.52 -9.44 10.14
CA TYR C 72 11.79 -9.34 8.72
C TYR C 72 12.55 -10.56 8.22
N MET C 73 13.56 -10.97 8.97
N MET C 73 13.59 -10.95 8.97
CA MET C 73 14.42 -12.01 8.44
CA MET C 73 14.46 -12.01 8.49
C MET C 73 13.82 -13.38 8.67
C MET C 73 13.81 -13.37 8.65
N ARG C 74 13.05 -13.55 9.74
CA ARG C 74 12.44 -14.84 10.04
C ARG C 74 11.49 -15.28 8.92
N THR C 75 10.65 -14.39 8.44
CA THR C 75 9.75 -14.80 7.38
C THR C 75 10.22 -14.45 5.96
N GLY C 76 11.29 -13.68 5.76
CA GLY C 76 11.87 -13.57 4.42
C GLY C 76 12.43 -14.91 3.95
N GLU C 77 12.22 -15.23 2.68
CA GLU C 77 12.77 -16.42 2.06
C GLU C 77 14.08 -16.16 1.34
N GLY C 78 14.23 -14.95 0.80
CA GLY C 78 15.46 -14.58 0.12
C GLY C 78 15.75 -13.10 0.38
N PHE C 79 17.04 -12.77 0.41
CA PHE C 79 17.46 -11.42 0.81
C PHE C 79 18.29 -10.78 -0.27
N LEU C 80 17.92 -9.55 -0.64
CA LEU C 80 18.73 -8.71 -1.50
C LEU C 80 19.57 -7.82 -0.58
N CYS C 81 20.85 -8.11 -0.48
CA CYS C 81 21.73 -7.34 0.40
C CYS C 81 22.44 -6.29 -0.47
N VAL C 82 22.01 -5.04 -0.35
CA VAL C 82 22.39 -3.96 -1.25
C VAL C 82 23.45 -3.06 -0.62
N PHE C 83 24.49 -2.74 -1.40
CA PHE C 83 25.39 -1.63 -1.03
C PHE C 83 25.46 -0.71 -2.25
N ALA C 84 26.04 0.48 -2.08
CA ALA C 84 26.22 1.40 -3.19
C ALA C 84 27.70 1.43 -3.55
N ILE C 85 28.01 1.39 -4.87
CA ILE C 85 29.40 1.23 -5.28
C ILE C 85 30.21 2.46 -4.96
N ASN C 86 29.57 3.54 -4.54
CA ASN C 86 30.29 4.76 -4.16
C ASN C 86 30.15 5.05 -2.67
N ASN C 87 29.88 4.02 -1.87
CA ASN C 87 29.70 4.16 -0.43
C ASN C 87 30.43 2.96 0.18
N THR C 88 31.70 3.20 0.52
CA THR C 88 32.53 2.14 1.10
C THR C 88 31.93 1.63 2.42
N LYS C 89 31.46 2.54 3.28
CA LYS C 89 30.81 2.12 4.51
C LYS C 89 29.66 1.14 4.26
N SER C 90 28.83 1.39 3.24
CA SER C 90 27.70 0.47 3.00
C SER C 90 28.17 -0.91 2.55
N PHE C 91 29.31 -0.99 1.87
CA PHE C 91 29.91 -2.28 1.56
C PHE C 91 30.47 -2.96 2.81
N GLU C 92 31.18 -2.21 3.66
CA GLU C 92 31.62 -2.77 4.93
C GLU C 92 30.45 -3.17 5.81
N ASP C 93 29.27 -2.57 5.62
CA ASP C 93 28.10 -2.99 6.40
C ASP C 93 27.56 -4.35 6.00
N ILE C 94 27.96 -4.91 4.86
CA ILE C 94 27.24 -6.06 4.34
C ILE C 94 27.35 -7.25 5.28
N HIS C 95 28.54 -7.50 5.84
CA HIS C 95 28.67 -8.75 6.57
C HIS C 95 27.74 -8.79 7.77
N HIS C 96 27.39 -7.62 8.33
CA HIS C 96 26.42 -7.58 9.43
C HIS C 96 25.08 -8.21 9.02
N TYR C 97 24.63 -7.96 7.79
CA TYR C 97 23.35 -8.51 7.35
C TYR C 97 23.40 -10.03 7.27
N ARG C 98 24.45 -10.57 6.66
CA ARG C 98 24.48 -12.02 6.50
C ARG C 98 24.62 -12.71 7.84
N GLU C 99 25.41 -12.15 8.75
CA GLU C 99 25.50 -12.74 10.08
C GLU C 99 24.13 -12.72 10.76
N GLN C 100 23.40 -11.61 10.63
CA GLN C 100 22.08 -11.50 11.25
C GLN C 100 21.08 -12.43 10.61
N ILE C 101 21.03 -12.44 9.27
CA ILE C 101 20.14 -13.38 8.58
C ILE C 101 20.41 -14.80 9.04
N LYS C 102 21.70 -15.21 9.06
CA LYS C 102 22.04 -16.57 9.43
C LYS C 102 21.64 -16.88 10.87
N ARG C 103 21.78 -15.90 11.76
CA ARG C 103 21.41 -16.09 13.16
C ARG C 103 19.90 -16.30 13.30
N VAL C 104 19.13 -15.38 12.72
CA VAL C 104 17.68 -15.39 12.91
C VAL C 104 17.10 -16.65 12.30
N LYS C 105 17.61 -17.05 11.15
CA LYS C 105 17.09 -18.20 10.44
C LYS C 105 17.83 -19.50 10.78
N ASP C 106 18.77 -19.47 11.72
CA ASP C 106 19.45 -20.68 12.22
C ASP C 106 19.96 -21.53 11.07
N SER C 107 20.71 -20.88 10.19
CA SER C 107 21.19 -21.59 9.01
C SER C 107 22.45 -20.94 8.48
N GLU C 108 23.35 -21.78 7.99
CA GLU C 108 24.50 -21.26 7.26
C GLU C 108 24.19 -21.00 5.80
N ASP C 109 23.04 -21.42 5.31
CA ASP C 109 22.75 -21.36 3.88
C ASP C 109 21.36 -20.76 3.64
N VAL C 110 21.31 -19.45 3.48
CA VAL C 110 20.05 -18.74 3.25
C VAL C 110 20.09 -18.07 1.86
N PRO C 111 19.04 -18.15 1.04
CA PRO C 111 19.09 -17.50 -0.28
C PRO C 111 19.31 -16.00 -0.18
N MET C 112 20.32 -15.51 -0.90
CA MET C 112 20.83 -14.15 -0.73
C MET C 112 21.56 -13.78 -2.02
N VAL C 113 21.50 -12.50 -2.39
CA VAL C 113 22.22 -11.99 -3.55
C VAL C 113 22.84 -10.68 -3.10
N LEU C 114 24.14 -10.52 -3.36
CA LEU C 114 24.86 -9.27 -3.10
C LEU C 114 24.65 -8.34 -4.28
N VAL C 115 24.14 -7.14 -4.01
CA VAL C 115 23.83 -6.19 -5.06
C VAL C 115 24.70 -4.95 -4.87
N GLY C 116 25.49 -4.60 -5.89
CA GLY C 116 26.20 -3.32 -5.85
C GLY C 116 25.52 -2.28 -6.73
N ASN C 117 24.82 -1.33 -6.11
CA ASN C 117 23.91 -0.45 -6.83
C ASN C 117 24.61 0.88 -7.11
N LYS C 118 23.97 1.68 -7.95
CA LYS C 118 24.50 2.99 -8.41
C LYS C 118 25.67 2.79 -9.37
N CYS C 119 25.65 1.76 -10.23
CA CYS C 119 26.81 1.56 -11.10
CA CYS C 119 26.78 1.54 -11.13
C CYS C 119 26.84 2.54 -12.27
N ASP C 120 25.81 3.36 -12.45
CA ASP C 120 25.88 4.45 -13.41
C ASP C 120 26.82 5.57 -12.95
N LEU C 121 27.14 5.62 -11.66
CA LEU C 121 27.79 6.84 -11.21
C LEU C 121 29.29 6.77 -11.40
N PRO C 122 29.91 7.92 -11.68
CA PRO C 122 31.35 7.99 -11.89
C PRO C 122 32.19 8.08 -10.63
N SER C 123 31.60 7.87 -9.45
CA SER C 123 32.29 8.12 -8.18
C SER C 123 32.58 6.83 -7.42
N ARG C 124 32.80 5.72 -8.13
CA ARG C 124 33.04 4.42 -7.51
C ARG C 124 34.15 4.47 -6.46
N THR C 125 33.91 3.80 -5.35
CA THR C 125 34.91 3.58 -4.32
C THR C 125 35.13 2.09 -3.99
N VAL C 126 34.23 1.21 -4.45
CA VAL C 126 34.28 -0.24 -4.20
C VAL C 126 34.52 -0.94 -5.52
N ASP C 127 35.66 -1.61 -5.65
CA ASP C 127 35.97 -2.31 -6.89
C ASP C 127 35.02 -3.46 -7.11
N THR C 128 34.66 -3.70 -8.38
CA THR C 128 33.93 -4.93 -8.71
C THR C 128 34.63 -6.15 -8.11
N LYS C 129 35.96 -6.22 -8.21
CA LYS C 129 36.65 -7.43 -7.75
C LYS C 129 36.50 -7.64 -6.24
N GLN C 130 36.48 -6.56 -5.46
CA GLN C 130 36.31 -6.77 -4.02
C GLN C 130 34.92 -7.29 -3.69
N ALA C 131 33.91 -6.85 -4.43
CA ALA C 131 32.57 -7.35 -4.19
C ALA C 131 32.43 -8.81 -4.67
N GLN C 132 33.12 -9.17 -5.73
CA GLN C 132 33.05 -10.55 -6.19
C GLN C 132 33.68 -11.49 -5.17
N ASP C 133 34.86 -11.11 -4.65
CA ASP C 133 35.55 -11.93 -3.67
C ASP C 133 34.68 -12.18 -2.43
N LEU C 134 34.01 -11.14 -1.93
CA LEU C 134 33.15 -11.33 -0.77
C LEU C 134 31.98 -12.26 -1.09
N ALA C 135 31.32 -12.03 -2.22
CA ALA C 135 30.20 -12.90 -2.58
C ALA C 135 30.70 -14.32 -2.76
N ARG C 136 31.86 -14.48 -3.39
CA ARG C 136 32.42 -15.83 -3.49
C ARG C 136 32.69 -16.42 -2.12
N SER C 137 33.21 -15.60 -1.19
CA SER C 137 33.45 -16.09 0.16
C SER C 137 32.16 -16.54 0.83
N TYR C 138 31.01 -16.03 0.38
CA TYR C 138 29.73 -16.44 0.92
C TYR C 138 29.08 -17.54 0.09
N GLY C 139 29.62 -17.86 -1.08
CA GLY C 139 28.93 -18.73 -2.00
C GLY C 139 27.59 -18.22 -2.47
N ILE C 140 27.49 -16.92 -2.73
CA ILE C 140 26.27 -16.30 -3.23
C ILE C 140 26.59 -15.50 -4.49
N PRO C 141 25.57 -15.19 -5.29
CA PRO C 141 25.78 -14.40 -6.49
C PRO C 141 26.01 -12.93 -6.16
N PHE C 142 26.71 -12.27 -7.07
CA PHE C 142 26.93 -10.83 -7.04
C PHE C 142 26.41 -10.21 -8.33
N ILE C 143 25.60 -9.14 -8.20
CA ILE C 143 25.00 -8.46 -9.34
C ILE C 143 25.25 -6.97 -9.18
N GLU C 144 25.79 -6.31 -10.22
CA GLU C 144 25.86 -4.85 -10.27
C GLU C 144 24.59 -4.31 -10.90
N THR C 145 24.07 -3.22 -10.31
CA THR C 145 22.81 -2.65 -10.74
C THR C 145 22.90 -1.14 -10.81
N SER C 146 22.01 -0.58 -11.61
CA SER C 146 21.67 0.84 -11.57
C SER C 146 20.16 0.99 -11.57
N ALA C 147 19.59 1.43 -10.46
CA ALA C 147 18.17 1.74 -10.49
C ALA C 147 17.88 2.91 -11.43
N LYS C 148 18.88 3.75 -11.72
CA LYS C 148 18.66 4.91 -12.58
C LYS C 148 18.49 4.50 -14.04
N THR C 149 19.32 3.57 -14.54
CA THR C 149 19.22 3.14 -15.94
C THR C 149 18.45 1.85 -16.11
N ARG C 150 18.06 1.22 -15.00
CA ARG C 150 17.39 -0.08 -14.87
C ARG C 150 18.33 -1.25 -15.15
N GLN C 151 19.63 -0.99 -15.32
CA GLN C 151 20.61 -2.04 -15.55
C GLN C 151 20.63 -3.03 -14.38
N GLY C 152 20.52 -4.31 -14.71
CA GLY C 152 20.61 -5.38 -13.73
C GLY C 152 19.47 -5.50 -12.76
N VAL C 153 18.41 -4.69 -12.88
CA VAL C 153 17.39 -4.66 -11.86
C VAL C 153 16.60 -5.97 -11.87
N ASP C 154 16.09 -6.38 -13.04
CA ASP C 154 15.40 -7.66 -13.10
C ASP C 154 16.34 -8.80 -12.76
N ASP C 155 17.58 -8.70 -13.23
N ASP C 155 17.58 -8.72 -13.26
CA ASP C 155 18.57 -9.74 -12.97
CA ASP C 155 18.56 -9.76 -12.96
C ASP C 155 18.78 -9.94 -11.47
C ASP C 155 18.75 -9.94 -11.46
N ALA C 156 18.84 -8.84 -10.71
CA ALA C 156 19.07 -8.97 -9.27
C ALA C 156 17.93 -9.72 -8.59
N PHE C 157 16.67 -9.32 -8.87
CA PHE C 157 15.52 -9.96 -8.26
C PHE C 157 15.33 -11.38 -8.78
N TYR C 158 15.54 -11.61 -10.10
CA TYR C 158 15.33 -12.94 -10.67
C TYR C 158 16.39 -13.91 -10.18
N THR C 159 17.62 -13.45 -10.06
CA THR C 159 18.69 -14.27 -9.51
C THR C 159 18.37 -14.67 -8.10
N LEU C 160 17.76 -13.76 -7.32
CA LEU C 160 17.35 -14.12 -5.98
C LEU C 160 16.30 -15.22 -6.01
N VAL C 161 15.29 -15.10 -6.89
CA VAL C 161 14.33 -16.20 -7.00
C VAL C 161 15.01 -17.50 -7.36
N ARG C 162 15.98 -17.47 -8.29
CA ARG C 162 16.69 -18.70 -8.65
C ARG C 162 17.41 -19.28 -7.44
N GLU C 163 17.98 -18.41 -6.60
CA GLU C 163 18.61 -18.91 -5.38
C GLU C 163 17.62 -19.61 -4.44
N ILE C 164 16.41 -19.06 -4.30
CA ILE C 164 15.42 -19.72 -3.48
C ILE C 164 15.03 -21.05 -4.09
N ARG C 165 14.82 -21.07 -5.42
CA ARG C 165 14.49 -22.35 -6.06
C ARG C 165 15.61 -23.39 -5.89
N LYS C 166 16.86 -22.99 -6.08
CA LYS C 166 17.96 -23.92 -5.89
C LYS C 166 17.99 -24.44 -4.46
N HIS C 167 17.72 -23.57 -3.50
CA HIS C 167 17.72 -23.96 -2.10
C HIS C 167 16.64 -24.98 -1.83
N LYS C 168 15.45 -24.77 -2.40
CA LYS C 168 14.34 -25.70 -2.18
C LYS C 168 14.58 -27.04 -2.85
N GLU C 169 15.36 -27.07 -3.93
CA GLU C 169 15.52 -28.30 -4.68
C GLU C 169 16.45 -29.27 -3.97
N LYS C 170 17.35 -28.75 -3.13
CA LYS C 170 18.26 -29.56 -2.33
C LYS C 170 17.52 -30.62 -1.52
N SER D 1 8.36 38.42 31.87
CA SER D 1 8.92 37.45 30.96
C SER D 1 9.23 36.16 31.70
N MET D 2 9.37 35.06 30.94
CA MET D 2 9.70 33.75 31.49
C MET D 2 11.02 33.28 30.89
N VAL D 3 11.72 32.43 31.64
CA VAL D 3 12.93 31.84 31.06
C VAL D 3 12.57 31.02 29.83
N ASN D 4 11.51 30.20 29.89
CA ASN D 4 11.18 29.34 28.77
C ASN D 4 10.20 30.03 27.83
N PRO D 5 10.57 30.26 26.58
CA PRO D 5 9.64 30.90 25.65
C PRO D 5 8.55 29.95 25.23
N THR D 6 7.49 30.55 24.73
CA THR D 6 6.33 29.86 24.21
C THR D 6 6.17 30.19 22.74
N VAL D 7 6.03 29.18 21.89
CA VAL D 7 5.78 29.38 20.48
C VAL D 7 4.53 28.62 20.08
N PHE D 8 3.92 29.02 18.94
CA PHE D 8 2.73 28.34 18.46
C PHE D 8 2.88 27.94 16.99
N PHE D 9 2.19 26.85 16.65
CA PHE D 9 1.91 26.48 15.25
C PHE D 9 0.41 26.54 15.01
N ASP D 10 0.00 27.15 13.90
CA ASP D 10 -1.38 27.04 13.43
C ASP D 10 -1.32 25.96 12.35
N ILE D 11 -1.94 24.81 12.62
CA ILE D 11 -1.88 23.64 11.75
C ILE D 11 -3.00 23.71 10.71
N ALA D 12 -2.71 23.30 9.46
CA ALA D 12 -3.72 23.26 8.40
C ALA D 12 -3.77 21.88 7.76
N VAL D 13 -4.94 21.51 7.24
CA VAL D 13 -5.17 20.26 6.54
C VAL D 13 -5.64 20.66 5.13
N ASP D 14 -4.82 20.34 4.11
CA ASP D 14 -4.98 20.82 2.73
C ASP D 14 -5.36 22.31 2.72
N GLY D 15 -4.66 23.09 3.55
CA GLY D 15 -4.84 24.52 3.60
C GLY D 15 -5.93 25.00 4.52
N GLU D 16 -6.73 24.10 5.09
CA GLU D 16 -7.84 24.54 5.94
C GLU D 16 -7.42 24.54 7.39
N PRO D 17 -7.83 25.53 8.17
CA PRO D 17 -7.37 25.60 9.56
C PRO D 17 -7.87 24.40 10.36
N LEU D 18 -6.93 23.74 11.05
CA LEU D 18 -7.28 22.68 11.99
C LEU D 18 -7.31 23.18 13.43
N GLY D 19 -6.27 23.88 13.84
CA GLY D 19 -6.18 24.43 15.19
C GLY D 19 -4.74 24.78 15.53
N ARG D 20 -4.58 25.30 16.74
CA ARG D 20 -3.31 25.81 17.20
C ARG D 20 -2.71 24.86 18.22
N VAL D 21 -1.40 24.64 18.11
CA VAL D 21 -0.59 23.93 19.10
C VAL D 21 0.43 24.92 19.63
N SER D 22 0.51 25.04 20.96
CA SER D 22 1.60 25.83 21.54
C SER D 22 2.57 24.94 22.29
N PHE D 23 3.80 25.43 22.42
CA PHE D 23 4.88 24.65 23.00
C PHE D 23 5.62 25.54 23.99
N GLU D 24 5.93 24.98 25.16
CA GLU D 24 6.97 25.52 26.03
C GLU D 24 8.32 24.96 25.57
N LEU D 25 9.28 25.84 25.34
CA LEU D 25 10.63 25.48 24.94
C LEU D 25 11.55 25.57 26.15
N PHE D 26 12.29 24.49 26.42
CA PHE D 26 13.02 24.34 27.68
C PHE D 26 14.39 25.00 27.55
N ALA D 27 14.35 26.33 27.38
CA ALA D 27 15.58 27.10 27.35
C ALA D 27 16.34 27.04 28.66
N ASP D 28 15.64 26.70 29.76
CA ASP D 28 16.31 26.57 31.04
C ASP D 28 17.31 25.42 31.09
N LYS D 29 17.13 24.38 30.28
CA LYS D 29 18.05 23.25 30.31
C LYS D 29 18.69 22.95 28.96
N VAL D 30 18.13 23.44 27.87
CA VAL D 30 18.57 23.14 26.51
C VAL D 30 18.60 24.45 25.70
N PRO D 31 19.41 25.44 26.09
CA PRO D 31 19.21 26.78 25.54
C PRO D 31 19.50 26.88 24.06
N LYS D 32 20.56 26.23 23.57
N LYS D 32 20.57 26.24 23.57
CA LYS D 32 20.91 26.35 22.16
CA LYS D 32 20.88 26.38 22.14
C LYS D 32 19.85 25.72 21.27
C LYS D 32 19.82 25.74 21.28
N THR D 33 19.37 24.54 21.66
CA THR D 33 18.34 23.86 20.89
C THR D 33 17.01 24.58 20.96
N ALA D 34 16.61 25.05 22.16
CA ALA D 34 15.39 25.83 22.28
C ALA D 34 15.45 27.09 21.40
N GLU D 35 16.60 27.79 21.40
CA GLU D 35 16.69 29.04 20.66
C GLU D 35 16.58 28.81 19.16
N ASN D 36 17.17 27.72 18.65
CA ASN D 36 16.95 27.36 17.25
C ASN D 36 15.47 27.25 16.94
N PHE D 37 14.74 26.41 17.69
CA PHE D 37 13.32 26.22 17.37
C PHE D 37 12.54 27.53 17.50
N ARG D 38 12.82 28.32 18.54
CA ARG D 38 12.15 29.60 18.69
C ARG D 38 12.36 30.48 17.46
N ALA D 39 13.62 30.62 17.03
CA ALA D 39 13.89 31.52 15.91
C ALA D 39 13.34 30.97 14.60
N LEU D 40 13.36 29.63 14.43
CA LEU D 40 12.72 29.08 13.25
C LEU D 40 11.21 29.26 13.26
N SER D 41 10.60 29.34 14.45
CA SER D 41 9.16 29.61 14.55
C SER D 41 8.82 31.07 14.24
N THR D 42 9.67 32.02 14.61
CA THR D 42 9.34 33.42 14.27
C THR D 42 9.74 33.81 12.86
N GLY D 43 10.65 33.07 12.26
CA GLY D 43 11.22 33.37 10.98
C GLY D 43 12.22 34.50 10.99
N GLU D 44 12.73 34.91 12.18
CA GLU D 44 13.42 36.19 12.26
C GLU D 44 14.77 36.17 11.55
N LYS D 45 15.30 35.01 11.20
CA LYS D 45 16.55 34.92 10.47
C LYS D 45 16.34 34.94 8.96
N GLY D 46 15.10 34.89 8.50
CA GLY D 46 14.83 34.93 7.07
C GLY D 46 14.32 33.63 6.49
N PHE D 47 14.10 32.63 7.35
CA PHE D 47 13.72 31.29 6.97
C PHE D 47 13.13 30.63 8.21
N GLY D 48 12.46 29.51 8.01
CA GLY D 48 11.86 28.89 9.17
C GLY D 48 10.70 27.99 8.78
N TYR D 49 9.92 27.64 9.81
CA TYR D 49 8.91 26.60 9.71
C TYR D 49 7.64 27.00 8.95
N LYS D 50 7.34 28.30 8.78
CA LYS D 50 6.04 28.66 8.17
C LYS D 50 5.91 28.10 6.77
N GLY D 51 4.86 27.32 6.53
CA GLY D 51 4.64 26.72 5.22
C GLY D 51 5.09 25.28 5.14
N SER D 52 5.92 24.84 6.08
CA SER D 52 6.47 23.49 5.96
C SER D 52 5.46 22.45 6.40
N CYS D 53 5.79 21.18 6.17
CA CYS D 53 4.83 20.09 6.28
C CYS D 53 5.22 19.11 7.40
N PHE D 54 4.21 18.53 8.07
CA PHE D 54 4.39 17.31 8.87
C PHE D 54 4.38 16.12 7.93
N HIS D 55 5.58 15.70 7.49
CA HIS D 55 5.65 14.75 6.39
C HIS D 55 5.50 13.31 6.86
N ARG D 56 5.65 13.08 8.14
CA ARG D 56 5.64 11.70 8.66
C ARG D 56 4.81 11.69 9.93
N ILE D 57 3.63 11.07 9.87
CA ILE D 57 2.73 11.00 11.03
C ILE D 57 2.42 9.53 11.26
N ILE D 58 2.90 8.99 12.37
CA ILE D 58 2.67 7.56 12.64
C ILE D 58 1.83 7.43 13.91
N PRO D 59 0.56 7.02 13.79
CA PRO D 59 -0.31 6.97 14.98
C PRO D 59 0.27 6.08 16.07
N GLY D 60 0.24 6.60 17.29
CA GLY D 60 0.74 5.86 18.44
C GLY D 60 2.20 6.09 18.71
N PHE D 61 2.86 6.92 17.89
CA PHE D 61 4.28 7.21 18.07
C PHE D 61 4.53 8.72 18.05
N MET D 62 4.43 9.37 16.89
N MET D 62 4.44 9.37 16.89
CA MET D 62 4.83 10.78 16.81
CA MET D 62 4.81 10.78 16.84
C MET D 62 4.35 11.41 15.52
C MET D 62 4.36 11.41 15.54
N CYS D 63 4.45 12.74 15.51
CA CYS D 63 4.23 13.54 14.31
C CYS D 63 5.55 14.23 14.01
N GLN D 64 6.09 14.05 12.81
CA GLN D 64 7.40 14.60 12.48
C GLN D 64 7.30 15.64 11.37
N GLY D 65 8.01 16.75 11.54
CA GLY D 65 7.95 17.83 10.54
C GLY D 65 9.24 18.59 10.49
N GLY D 66 9.23 19.75 9.82
CA GLY D 66 10.33 20.68 9.93
C GLY D 66 11.25 20.79 8.73
N ASP D 67 10.98 20.11 7.60
CA ASP D 67 11.90 20.18 6.46
C ASP D 67 11.44 21.32 5.54
N PHE D 68 12.03 22.51 5.73
CA PHE D 68 11.67 23.66 4.90
C PHE D 68 12.69 23.97 3.79
N THR D 69 13.73 23.14 3.61
CA THR D 69 14.72 23.41 2.59
C THR D 69 14.58 22.47 1.41
N ARG D 70 14.29 21.19 1.66
CA ARG D 70 14.07 20.23 0.59
C ARG D 70 12.61 19.83 0.44
N HIS D 71 11.79 20.06 1.47
CA HIS D 71 10.33 19.92 1.38
C HIS D 71 9.90 18.50 1.11
N ASN D 72 10.73 17.53 1.54
CA ASN D 72 10.44 16.12 1.31
C ASN D 72 10.89 15.20 2.44
N GLY D 73 11.26 15.72 3.61
CA GLY D 73 11.68 14.90 4.75
C GLY D 73 13.16 14.58 4.80
N THR D 74 13.96 15.06 3.84
CA THR D 74 15.39 14.80 3.81
C THR D 74 16.21 15.98 4.33
N GLY D 75 15.61 17.17 4.43
CA GLY D 75 16.34 18.42 4.53
C GLY D 75 16.10 19.17 5.83
N GLY D 76 16.28 20.48 5.78
CA GLY D 76 16.21 21.30 6.97
C GLY D 76 17.58 21.88 7.31
N LYS D 77 17.55 22.94 8.11
CA LYS D 77 18.79 23.59 8.52
C LYS D 77 18.52 24.41 9.77
N SER D 78 19.57 24.60 10.57
CA SER D 78 19.42 25.32 11.83
C SER D 78 19.82 26.78 11.65
N ILE D 79 19.62 27.56 12.73
CA ILE D 79 20.09 28.93 12.70
C ILE D 79 21.58 29.05 12.91
N TYR D 80 22.28 27.94 13.14
CA TYR D 80 23.71 27.90 13.36
C TYR D 80 24.50 27.44 12.14
N GLY D 81 23.83 27.05 11.08
CA GLY D 81 24.43 26.30 9.97
C GLY D 81 23.62 25.06 9.68
N GLU D 82 24.11 24.25 8.75
CA GLU D 82 23.30 23.12 8.29
C GLU D 82 22.96 22.15 9.42
N LYS D 83 23.86 21.97 10.37
CA LYS D 83 23.62 21.07 11.48
C LYS D 83 24.32 21.60 12.73
N PHE D 84 23.84 21.13 13.88
CA PHE D 84 24.53 21.41 15.13
C PHE D 84 24.54 20.19 16.06
N GLU D 85 25.44 20.24 17.05
CA GLU D 85 25.73 19.06 17.84
C GLU D 85 24.60 18.76 18.82
N ASP D 86 24.58 17.53 19.30
CA ASP D 86 23.62 17.22 20.37
C ASP D 86 24.00 18.01 21.62
N GLU D 87 23.07 18.79 22.15
CA GLU D 87 23.44 19.73 23.19
C GLU D 87 23.57 19.05 24.54
N ASN D 88 22.56 18.30 24.94
CA ASN D 88 22.67 17.42 26.09
C ASN D 88 21.51 16.44 25.97
N PHE D 89 21.48 15.47 26.87
CA PHE D 89 20.38 14.53 26.90
C PHE D 89 19.68 14.51 28.26
N ILE D 90 19.64 15.68 28.92
CA ILE D 90 19.09 15.78 30.26
C ILE D 90 17.65 15.33 30.30
N LEU D 91 16.85 15.84 29.35
CA LEU D 91 15.42 15.59 29.38
C LEU D 91 15.10 14.32 28.59
N LYS D 92 14.04 13.63 29.03
CA LYS D 92 13.75 12.31 28.51
C LYS D 92 12.42 12.32 27.78
N HIS D 93 12.20 11.29 26.96
CA HIS D 93 10.98 11.19 26.18
C HIS D 93 9.95 10.52 27.07
N THR D 94 9.24 11.30 27.87
CA THR D 94 8.48 10.76 28.99
C THR D 94 7.00 10.51 28.71
N GLY D 95 6.45 11.00 27.61
CA GLY D 95 5.04 10.86 27.34
C GLY D 95 4.60 11.63 26.12
N PRO D 96 3.28 11.65 25.88
CA PRO D 96 2.74 12.45 24.79
C PRO D 96 3.03 13.92 25.03
N GLY D 97 3.26 14.63 23.94
CA GLY D 97 3.49 16.07 23.99
C GLY D 97 4.94 16.47 23.99
N ILE D 98 5.84 15.55 24.33
CA ILE D 98 7.27 15.81 24.27
C ILE D 98 7.71 16.22 22.87
N LEU D 99 8.47 17.33 22.82
CA LEU D 99 9.02 17.91 21.61
C LEU D 99 10.53 17.68 21.59
N SER D 100 11.02 17.06 20.51
CA SER D 100 12.41 16.57 20.48
C SER D 100 12.97 16.67 19.07
N MET D 101 14.31 16.64 18.95
CA MET D 101 14.96 16.84 17.66
C MET D 101 15.05 15.57 16.82
N ALA D 102 14.61 15.66 15.57
CA ALA D 102 14.89 14.57 14.66
C ALA D 102 16.35 14.64 14.22
N ASN D 103 16.88 13.52 13.74
CA ASN D 103 18.29 13.52 13.30
C ASN D 103 18.57 12.27 12.48
N ALA D 104 19.77 12.26 11.91
CA ALA D 104 20.28 11.16 11.10
C ALA D 104 21.53 10.59 11.74
N GLY D 105 21.53 10.57 13.08
CA GLY D 105 22.69 10.13 13.84
C GLY D 105 23.31 11.22 14.69
N PRO D 106 24.42 10.93 15.36
CA PRO D 106 24.97 11.91 16.31
C PRO D 106 25.26 13.25 15.64
N ASN D 107 24.88 14.32 16.32
CA ASN D 107 25.31 15.68 15.96
C ASN D 107 24.86 16.09 14.56
N THR D 108 23.62 15.75 14.20
CA THR D 108 23.03 16.14 12.92
C THR D 108 21.72 16.89 13.10
N ASN D 109 21.58 17.62 14.20
CA ASN D 109 20.38 18.45 14.36
C ASN D 109 20.32 19.56 13.32
N GLY D 110 19.16 19.73 12.67
CA GLY D 110 18.99 20.92 11.82
C GLY D 110 17.71 21.63 12.22
N SER D 111 16.62 21.37 11.49
CA SER D 111 15.30 21.88 11.84
C SER D 111 14.24 20.81 12.05
N GLN D 112 14.44 19.59 11.57
CA GLN D 112 13.39 18.59 11.76
C GLN D 112 13.24 18.20 13.22
N PHE D 113 11.98 18.00 13.62
CA PHE D 113 11.59 17.76 15.00
C PHE D 113 10.44 16.73 14.98
N PHE D 114 10.09 16.25 16.16
CA PHE D 114 8.90 15.42 16.30
C PHE D 114 8.21 15.72 17.60
N ILE D 115 6.89 15.52 17.56
CA ILE D 115 6.00 15.62 18.72
C ILE D 115 5.55 14.22 19.05
N CYS D 116 5.89 13.75 20.24
CA CYS D 116 5.48 12.42 20.67
C CYS D 116 3.99 12.39 20.95
N THR D 117 3.34 11.30 20.55
CA THR D 117 1.99 11.03 21.00
C THR D 117 1.99 9.87 21.98
N ALA D 118 3.16 9.41 22.39
CA ALA D 118 3.28 8.35 23.37
C ALA D 118 4.69 8.45 23.96
N LYS D 119 4.91 7.72 25.03
CA LYS D 119 6.25 7.62 25.60
C LYS D 119 7.18 6.89 24.62
N THR D 120 8.33 7.48 24.32
CA THR D 120 9.27 6.89 23.37
C THR D 120 10.65 6.80 24.00
N GLU D 121 10.75 6.02 25.08
CA GLU D 121 11.95 5.99 25.90
C GLU D 121 13.16 5.46 25.15
N TRP D 122 12.97 4.65 24.11
CA TRP D 122 14.11 4.11 23.39
C TRP D 122 14.90 5.17 22.64
N LEU D 123 14.34 6.37 22.50
CA LEU D 123 14.99 7.52 21.87
C LEU D 123 15.83 8.34 22.86
N ASP D 124 15.71 8.06 24.17
CA ASP D 124 16.51 8.77 25.16
C ASP D 124 17.98 8.55 24.89
N GLY D 125 18.76 9.63 24.95
CA GLY D 125 20.18 9.53 24.72
C GLY D 125 20.58 9.58 23.26
N LYS D 126 19.61 9.58 22.35
CA LYS D 126 19.87 9.72 20.93
C LYS D 126 19.22 10.92 20.28
N HIS D 127 18.10 11.42 20.82
CA HIS D 127 17.41 12.63 20.34
C HIS D 127 17.30 13.64 21.47
N VAL D 128 17.60 14.89 21.17
CA VAL D 128 17.60 15.92 22.19
C VAL D 128 16.17 16.44 22.42
N VAL D 129 15.67 16.21 23.62
CA VAL D 129 14.37 16.71 24.06
C VAL D 129 14.53 18.15 24.48
N PHE D 130 13.64 19.02 23.99
CA PHE D 130 13.83 20.44 24.27
C PHE D 130 12.52 21.19 24.51
N GLY D 131 11.40 20.51 24.55
CA GLY D 131 10.14 21.19 24.83
C GLY D 131 8.96 20.24 25.00
N LYS D 132 7.80 20.84 25.20
N LYS D 132 7.80 20.83 25.23
CA LYS D 132 6.57 20.08 25.36
CA LYS D 132 6.57 20.05 25.41
C LYS D 132 5.43 20.89 24.78
C LYS D 132 5.37 20.86 24.96
N VAL D 133 4.37 20.17 24.37
CA VAL D 133 3.13 20.81 24.04
C VAL D 133 2.54 21.46 25.30
N LYS D 134 2.06 22.70 25.14
CA LYS D 134 1.39 23.42 26.21
C LYS D 134 -0.12 23.38 26.02
N GLU D 135 -0.61 24.03 24.97
CA GLU D 135 -2.01 23.98 24.57
C GLU D 135 -2.11 23.27 23.23
N GLY D 136 -3.26 22.66 22.97
CA GLY D 136 -3.50 22.08 21.66
C GLY D 136 -3.11 20.64 21.49
N MET D 137 -2.99 19.87 22.57
CA MET D 137 -2.73 18.45 22.38
C MET D 137 -3.90 17.78 21.64
N ASN D 138 -5.12 18.27 21.81
CA ASN D 138 -6.22 17.71 21.01
C ASN D 138 -5.99 17.92 19.51
N ILE D 139 -5.28 18.99 19.13
CA ILE D 139 -4.99 19.21 17.71
C ILE D 139 -3.93 18.23 17.21
N VAL D 140 -2.89 17.99 18.01
CA VAL D 140 -1.94 16.92 17.70
C VAL D 140 -2.66 15.58 17.52
N GLU D 141 -3.58 15.26 18.45
CA GLU D 141 -4.36 14.02 18.33
C GLU D 141 -5.16 14.02 17.04
N ALA D 142 -5.68 15.19 16.64
CA ALA D 142 -6.42 15.27 15.39
C ALA D 142 -5.52 15.07 14.17
N MET D 143 -4.26 15.52 14.23
CA MET D 143 -3.30 15.32 13.14
C MET D 143 -2.95 13.85 12.99
N GLU D 144 -2.74 13.21 14.13
CA GLU D 144 -2.29 11.82 14.16
C GLU D 144 -3.21 10.93 13.33
N ARG D 145 -4.49 11.33 13.18
CA ARG D 145 -5.47 10.55 12.43
C ARG D 145 -5.31 10.67 10.91
N PHE D 146 -4.58 11.65 10.39
CA PHE D 146 -4.23 11.71 8.98
C PHE D 146 -2.97 10.94 8.63
N GLY D 147 -2.38 10.25 9.60
CA GLY D 147 -1.19 9.45 9.39
C GLY D 147 -1.51 8.00 9.02
N SER D 148 -0.48 7.17 9.11
CA SER D 148 -0.57 5.77 8.72
C SER D 148 0.64 5.05 9.31
N ARG D 149 0.64 3.72 9.17
CA ARG D 149 1.69 2.90 9.78
C ARG D 149 3.10 3.28 9.28
N ASN D 150 3.25 3.61 8.02
CA ASN D 150 4.58 4.02 7.56
C ASN D 150 4.74 5.53 7.54
N GLY D 151 3.79 6.26 8.12
CA GLY D 151 3.95 7.70 8.27
C GLY D 151 3.40 8.53 7.14
N LYS D 152 3.09 7.95 6.00
CA LYS D 152 2.58 8.76 4.90
C LYS D 152 1.22 9.32 5.30
N THR D 153 0.95 10.56 4.92
CA THR D 153 -0.29 11.17 5.38
C THR D 153 -1.31 11.22 4.24
N SER D 154 -2.56 11.19 4.62
CA SER D 154 -3.64 11.10 3.64
C SER D 154 -4.12 12.46 3.17
N LYS D 155 -3.75 13.51 3.89
CA LYS D 155 -3.94 14.89 3.46
C LYS D 155 -2.69 15.62 3.91
N LYS D 156 -2.41 16.75 3.27
CA LYS D 156 -1.15 17.41 3.54
C LYS D 156 -1.31 18.28 4.79
N ILE D 157 -0.50 17.99 5.82
CA ILE D 157 -0.60 18.62 7.12
C ILE D 157 0.53 19.65 7.19
N THR D 158 0.20 20.94 7.28
CA THR D 158 1.22 22.00 7.23
C THR D 158 1.15 22.92 8.45
N ILE D 159 2.28 23.58 8.68
CA ILE D 159 2.36 24.73 9.60
C ILE D 159 1.96 25.97 8.82
N ALA D 160 0.67 26.34 8.86
CA ALA D 160 0.20 27.48 8.07
C ALA D 160 0.72 28.79 8.62
N ASP D 161 0.89 28.87 9.94
CA ASP D 161 1.42 30.06 10.58
C ASP D 161 2.12 29.59 11.85
N CYS D 162 3.01 30.43 12.34
CA CYS D 162 3.77 30.09 13.54
C CYS D 162 4.41 31.37 14.04
N GLY D 163 4.77 31.37 15.32
CA GLY D 163 5.32 32.59 15.90
C GLY D 163 5.59 32.40 17.38
N GLN D 164 5.98 33.49 18.03
CA GLN D 164 6.23 33.44 19.47
C GLN D 164 5.14 34.18 20.23
N LEU D 165 4.72 33.64 21.36
CA LEU D 165 3.69 34.25 22.19
C LEU D 165 4.25 35.00 23.42
#